data_9MUO
#
_entry.id   9MUO
#
_cell.length_a   1.00
_cell.length_b   1.00
_cell.length_c   1.00
_cell.angle_alpha   90.00
_cell.angle_beta   90.00
_cell.angle_gamma   90.00
#
_symmetry.space_group_name_H-M   'P 1'
#
loop_
_entity.id
_entity.type
_entity.pdbx_description
1 polymer 'Cat1 (CRISPR-associated TIR 1)'
2 polymer "RNA (5'-R(P*AP*AP*AP*A)-3')"
3 non-polymer '[(2R,3S,4R,5R)-5-(6-amino-9H-purin-9-yl)-3,4-dihydroxytetrahydrofuran-2-yl]methyl [(2R,3S,4R,5S)-5-(3-carbamoylphenyl)-3,4-dihydroxytetrahydrofuran-2-yl]methyl dihydrogen diphosphate (non-preferred name)'
#
loop_
_entity_poly.entity_id
_entity_poly.type
_entity_poly.pdbx_seq_one_letter_code
_entity_poly.pdbx_strand_id
1 'polypeptide(L)'
;MPQAFFSHNNKDKKIVLEVLEHLRQSLVATWIDQQSIPGGGSLIQQIIAGISKSQYFLAFLSNEYLKSDWCWDELEQAYA
LHQKGKVKIIPILLTNRAQLDLNALTDARRNFLESILTRLKYVEFDPHNMTRSLGSVAEALWQNEAVRFEPIRMIKVNGT
ELQVVEFKIPGSNLPVDFLHHWDLKIEDFIATSPNEQKPVKFDVPVALYGPGPNWLYAFLTLPFKNRNTVFVFNSRTSEY
ICVYSKSAGLAPGMVLKGHHHHH
;
A,B,C,D
2 'polyribonucleotide' AAAA a,b
#
# COMPACT_ATOMS: atom_id res chain seq x y z
N PRO A 2 14.29 15.77 13.53
CA PRO A 2 15.42 16.62 13.92
C PRO A 2 16.68 15.83 14.23
N GLN A 3 17.55 15.76 13.21
CA GLN A 3 18.70 14.86 13.19
C GLN A 3 19.67 15.24 14.30
N ALA A 4 20.51 14.28 14.69
CA ALA A 4 21.51 14.48 15.74
C ALA A 4 22.78 13.74 15.37
N PHE A 5 23.91 14.43 15.45
CA PHE A 5 25.22 13.85 15.21
C PHE A 5 26.01 13.84 16.52
N PHE A 6 26.59 12.69 16.84
CA PHE A 6 27.25 12.49 18.13
C PHE A 6 28.75 12.46 17.88
N SER A 7 29.48 13.34 18.56
CA SER A 7 30.94 13.35 18.54
C SER A 7 31.43 12.99 19.94
N HIS A 8 32.18 11.89 20.03
CA HIS A 8 32.55 11.35 21.33
C HIS A 8 33.78 10.47 21.19
N ASN A 9 34.31 10.05 22.34
CA ASN A 9 35.40 9.10 22.41
C ASN A 9 34.91 7.76 22.96
N ASN A 10 35.62 6.69 22.61
CA ASN A 10 35.22 5.36 23.05
C ASN A 10 35.32 5.17 24.57
N LYS A 11 36.05 6.04 25.26
CA LYS A 11 36.03 6.00 26.72
C LYS A 11 34.65 6.38 27.25
N ASP A 12 33.92 7.21 26.50
CA ASP A 12 32.55 7.58 26.79
C ASP A 12 31.54 6.82 25.95
N LYS A 13 32.00 5.78 25.23
CA LYS A 13 31.10 4.98 24.40
C LYS A 13 29.93 4.42 25.21
N LYS A 14 30.19 4.05 26.47
CA LYS A 14 29.17 3.39 27.27
C LYS A 14 27.95 4.31 27.46
N ILE A 15 28.19 5.58 27.74
CA ILE A 15 27.09 6.51 27.96
C ILE A 15 26.44 6.98 26.66
N VAL A 16 27.09 6.79 25.52
CA VAL A 16 26.69 7.51 24.31
C VAL A 16 25.46 6.85 23.68
N LEU A 17 25.52 5.55 23.40
CA LEU A 17 24.37 4.86 22.82
C LEU A 17 23.16 4.92 23.75
N GLU A 18 23.37 4.62 25.04
CA GLU A 18 22.27 4.67 25.99
C GLU A 18 21.68 6.07 26.10
N VAL A 19 22.50 7.11 26.02
CA VAL A 19 21.94 8.46 25.83
C VAL A 19 21.19 8.54 24.52
N LEU A 20 21.78 8.02 23.44
CA LEU A 20 21.13 8.05 22.14
C LEU A 20 19.86 7.23 22.13
N GLU A 21 19.87 6.08 22.81
CA GLU A 21 18.70 5.21 22.84
C GLU A 21 17.50 5.95 23.41
N HIS A 22 17.71 6.73 24.47
CA HIS A 22 16.65 7.58 24.99
C HIS A 22 16.23 8.62 23.96
N LEU A 23 17.20 9.21 23.26
CA LEU A 23 16.88 10.21 22.25
C LEU A 23 16.16 9.60 21.06
N ARG A 24 16.48 8.35 20.70
CA ARG A 24 15.82 7.71 19.59
C ARG A 24 14.34 7.53 19.85
N GLN A 25 13.97 7.16 21.08
CA GLN A 25 12.56 7.00 21.42
C GLN A 25 11.80 8.32 21.36
N SER A 26 12.49 9.45 21.31
CA SER A 26 11.87 10.76 21.21
C SER A 26 11.63 11.19 19.77
N LEU A 27 11.54 10.23 18.84
CA LEU A 27 11.32 10.51 17.42
C LEU A 27 12.38 11.44 16.86
N VAL A 28 13.63 11.26 17.29
CA VAL A 28 14.75 12.08 16.86
C VAL A 28 15.65 11.23 16.00
N ALA A 29 16.04 11.75 14.83
CA ALA A 29 17.02 11.06 14.00
C ALA A 29 18.39 11.15 14.66
N THR A 30 19.04 9.99 14.83
CA THR A 30 20.32 9.90 15.51
C THR A 30 21.34 9.19 14.62
N TRP A 31 22.52 9.80 14.47
CA TRP A 31 23.54 9.31 13.56
C TRP A 31 24.89 9.33 14.28
N ILE A 32 25.54 8.16 14.37
CA ILE A 32 26.83 8.07 15.04
C ILE A 32 27.91 7.54 14.11
N ASP A 33 27.76 6.30 13.63
CA ASP A 33 28.67 5.70 12.65
C ASP A 33 27.88 5.14 11.49
N SER A 42 31.12 10.50 7.67
CA SER A 42 31.69 11.44 8.63
C SER A 42 30.58 12.29 9.24
N LEU A 43 30.94 13.40 9.88
CA LEU A 43 29.96 14.28 10.47
C LEU A 43 30.15 15.71 9.98
N ILE A 44 31.27 15.96 9.30
CA ILE A 44 31.57 17.33 8.86
C ILE A 44 30.84 17.65 7.58
N GLN A 45 31.11 16.92 6.50
CA GLN A 45 30.42 17.17 5.24
C GLN A 45 28.99 16.65 5.24
N GLN A 46 28.62 15.84 6.23
CA GLN A 46 27.24 15.40 6.39
C GLN A 46 26.37 16.48 7.00
N ILE A 47 26.97 17.58 7.47
CA ILE A 47 26.18 18.71 7.93
C ILE A 47 25.38 19.31 6.77
N ILE A 48 26.01 19.39 5.60
CA ILE A 48 25.36 19.99 4.43
C ILE A 48 24.48 18.90 3.82
N ALA A 49 23.26 18.80 4.35
CA ALA A 49 22.27 17.84 3.87
C ALA A 49 20.89 18.21 4.38
N GLY A 50 19.93 18.40 3.47
CA GLY A 50 18.57 18.69 3.85
C GLY A 50 18.30 20.18 3.89
N ILE A 51 17.69 20.64 4.97
CA ILE A 51 17.28 22.04 5.12
C ILE A 51 18.22 22.74 6.08
N SER A 52 18.06 24.07 6.19
CA SER A 52 18.87 24.86 7.10
C SER A 52 18.80 24.32 8.53
N LYS A 53 17.63 23.85 8.97
CA LYS A 53 17.53 23.12 10.22
C LYS A 53 18.08 21.70 10.01
N SER A 54 19.40 21.61 10.09
CA SER A 54 20.10 20.36 9.83
C SER A 54 20.05 19.42 11.02
N GLN A 55 20.65 19.82 12.13
CA GLN A 55 20.88 18.94 13.28
C GLN A 55 21.47 19.78 14.41
N TYR A 56 21.62 19.18 15.59
CA TYR A 56 22.31 19.80 16.70
C TYR A 56 23.50 18.95 17.09
N PHE A 57 24.70 19.52 16.96
CA PHE A 57 25.92 18.80 17.26
C PHE A 57 26.02 18.55 18.76
N LEU A 58 26.16 17.28 19.15
CA LEU A 58 26.33 16.89 20.54
C LEU A 58 27.82 16.67 20.80
N ALA A 59 28.44 17.66 21.43
CA ALA A 59 29.87 17.58 21.78
C ALA A 59 29.97 16.90 23.15
N PHE A 60 30.26 15.60 23.14
CA PHE A 60 30.39 14.82 24.37
C PHE A 60 31.72 15.16 25.04
N LEU A 61 31.77 16.36 25.61
CA LEU A 61 33.01 16.86 26.20
C LEU A 61 33.36 16.08 27.45
N SER A 62 34.61 15.64 27.52
CA SER A 62 35.13 14.91 28.66
C SER A 62 36.65 15.05 28.67
N ASN A 63 37.25 14.70 29.82
CA ASN A 63 38.69 14.88 29.96
C ASN A 63 39.47 14.07 28.93
N GLU A 64 39.06 12.82 28.72
CA GLU A 64 39.72 12.00 27.70
C GLU A 64 39.37 12.47 26.30
N TYR A 65 38.19 13.07 26.12
CA TYR A 65 37.82 13.63 24.83
C TYR A 65 38.70 14.84 24.48
N LEU A 66 39.03 15.65 25.48
CA LEU A 66 39.85 16.84 25.27
C LEU A 66 41.31 16.50 24.95
N LYS A 67 41.75 15.28 25.22
CA LYS A 67 43.15 14.91 25.07
C LYS A 67 43.49 14.39 23.68
N SER A 68 42.54 14.35 22.77
CA SER A 68 42.78 13.88 21.41
C SER A 68 42.71 15.06 20.45
N ASP A 69 43.84 15.42 19.86
CA ASP A 69 43.88 16.52 18.90
C ASP A 69 43.07 16.16 17.66
N TRP A 70 43.20 14.92 17.19
CA TRP A 70 42.50 14.52 15.97
C TRP A 70 41.00 14.39 16.23
N CYS A 71 40.59 14.48 17.50
CA CYS A 71 39.17 14.67 17.79
C CYS A 71 38.82 16.16 17.89
N TRP A 72 39.83 17.00 18.16
CA TRP A 72 39.60 18.43 18.32
C TRP A 72 39.19 19.09 17.01
N ASP A 73 39.85 18.73 15.90
CA ASP A 73 39.59 19.41 14.63
C ASP A 73 38.16 19.18 14.16
N GLU A 74 37.51 18.10 14.61
CA GLU A 74 36.10 17.90 14.29
C GLU A 74 35.24 18.97 14.96
N LEU A 75 35.65 19.44 16.14
CA LEU A 75 34.91 20.49 16.83
C LEU A 75 35.13 21.83 16.16
N GLU A 76 36.29 22.03 15.53
CA GLU A 76 36.56 23.28 14.84
C GLU A 76 35.61 23.47 13.66
N GLN A 77 35.62 22.53 12.71
CA GLN A 77 34.79 22.66 11.53
C GLN A 77 33.31 22.65 11.87
N ALA A 78 32.92 21.93 12.93
CA ALA A 78 31.55 22.01 13.42
C ALA A 78 31.21 23.40 13.94
N TYR A 79 32.15 24.00 14.68
CA TYR A 79 31.91 25.33 15.22
C TYR A 79 32.17 26.42 14.18
N ALA A 80 33.14 26.20 13.30
CA ALA A 80 33.48 27.21 12.30
C ALA A 80 32.30 27.49 11.38
N LEU A 81 31.62 26.43 10.92
CA LEU A 81 30.44 26.62 10.10
C LEU A 81 29.20 26.89 10.93
N HIS A 82 29.26 26.69 12.24
CA HIS A 82 28.13 27.02 13.10
C HIS A 82 27.86 28.52 13.11
N GLN A 83 28.89 29.34 12.94
CA GLN A 83 28.69 30.78 12.85
C GLN A 83 27.86 31.15 11.62
N LYS A 84 27.89 30.31 10.59
CA LYS A 84 27.04 30.51 9.42
C LYS A 84 25.57 30.24 9.71
N GLY A 85 25.24 29.67 10.87
CA GLY A 85 23.88 29.38 11.23
C GLY A 85 23.34 28.07 10.71
N LYS A 86 24.17 27.26 10.04
CA LYS A 86 23.69 26.01 9.47
C LYS A 86 23.42 24.98 10.54
N VAL A 87 24.34 24.84 11.51
CA VAL A 87 24.19 23.88 12.59
C VAL A 87 24.52 24.57 13.91
N LYS A 88 23.86 24.12 14.97
CA LYS A 88 24.15 24.57 16.33
C LYS A 88 24.65 23.40 17.15
N ILE A 89 25.56 23.69 18.07
CA ILE A 89 26.25 22.66 18.86
C ILE A 89 25.67 22.66 20.26
N ILE A 90 25.49 21.47 20.83
CA ILE A 90 25.17 21.34 22.25
C ILE A 90 26.29 20.55 22.92
N PRO A 91 27.15 21.21 23.70
CA PRO A 91 28.26 20.49 24.36
C PRO A 91 27.75 19.78 25.61
N ILE A 92 28.04 18.49 25.70
CA ILE A 92 27.60 17.65 26.81
C ILE A 92 28.81 17.39 27.69
N LEU A 93 28.72 17.81 28.96
CA LEU A 93 29.81 17.66 29.90
C LEU A 93 29.62 16.37 30.69
N LEU A 94 30.43 15.35 30.37
CA LEU A 94 30.42 14.13 31.17
C LEU A 94 30.91 14.40 32.58
N THR A 95 31.96 15.20 32.70
CA THR A 95 32.45 15.68 33.98
C THR A 95 32.10 17.16 34.13
N ASN A 96 31.99 17.60 35.38
CA ASN A 96 31.60 18.98 35.64
C ASN A 96 32.68 19.95 35.15
N ARG A 97 32.27 21.21 35.00
CA ARG A 97 33.17 22.24 34.50
C ARG A 97 34.35 22.47 35.45
N ALA A 98 34.16 22.18 36.73
CA ALA A 98 35.19 22.48 37.73
C ALA A 98 36.48 21.70 37.48
N GLN A 99 36.36 20.41 37.17
CA GLN A 99 37.52 19.54 37.04
C GLN A 99 37.86 19.22 35.58
N LEU A 100 37.41 20.04 34.63
CA LEU A 100 37.83 19.87 33.25
C LEU A 100 39.31 20.22 33.10
N ASP A 101 40.08 19.32 32.50
CA ASP A 101 41.53 19.47 32.41
C ASP A 101 41.83 20.46 31.29
N LEU A 102 41.72 21.75 31.63
CA LEU A 102 42.05 22.80 30.68
C LEU A 102 43.54 23.08 30.62
N ASN A 103 44.31 22.68 31.63
CA ASN A 103 45.74 22.98 31.66
C ASN A 103 46.49 22.28 30.54
N ALA A 104 46.14 21.02 30.27
CA ALA A 104 46.83 20.27 29.21
C ALA A 104 46.59 20.89 27.85
N LEU A 105 45.45 21.56 27.67
CA LEU A 105 45.16 22.23 26.40
C LEU A 105 46.11 23.40 26.19
N THR A 106 46.44 23.63 24.92
CA THR A 106 47.31 24.75 24.57
C THR A 106 46.55 26.07 24.75
N ASP A 107 47.26 27.17 24.51
CA ASP A 107 46.63 28.49 24.64
C ASP A 107 45.50 28.67 23.64
N ALA A 108 45.72 28.25 22.39
CA ALA A 108 44.67 28.35 21.39
C ALA A 108 43.50 27.42 21.71
N ARG A 109 43.79 26.20 22.17
CA ARG A 109 42.73 25.26 22.50
C ARG A 109 41.92 25.73 23.68
N ARG A 110 42.58 26.25 24.73
CA ARG A 110 41.85 26.71 25.90
C ARG A 110 41.02 27.95 25.60
N ASN A 111 41.57 28.87 24.81
CA ASN A 111 40.81 30.06 24.43
C ASN A 111 39.60 29.70 23.59
N PHE A 112 39.76 28.73 22.68
CA PHE A 112 38.64 28.30 21.85
C PHE A 112 37.56 27.63 22.70
N LEU A 113 37.95 26.73 23.60
CA LEU A 113 36.97 26.02 24.41
C LEU A 113 36.24 26.98 25.36
N GLU A 114 36.97 27.90 25.99
CA GLU A 114 36.35 28.80 26.95
C GLU A 114 35.34 29.72 26.27
N SER A 115 35.63 30.14 25.04
CA SER A 115 34.70 31.02 24.33
C SER A 115 33.38 30.32 24.04
N ILE A 116 33.42 29.05 23.63
CA ILE A 116 32.20 28.34 23.27
C ILE A 116 31.45 27.82 24.49
N LEU A 117 32.10 27.72 25.64
CA LEU A 117 31.38 27.24 26.83
C LEU A 117 30.63 28.36 27.53
N THR A 118 31.10 29.60 27.39
CA THR A 118 30.44 30.73 28.00
C THR A 118 29.34 31.32 27.11
N ARG A 119 29.69 31.71 25.89
CA ARG A 119 28.70 32.29 24.98
C ARG A 119 27.66 31.28 24.54
N LEU A 120 28.08 30.06 24.21
CA LEU A 120 27.16 29.01 23.77
C LEU A 120 26.85 28.11 24.96
N LYS A 121 25.61 27.63 25.01
CA LYS A 121 25.12 26.99 26.21
C LYS A 121 25.40 25.49 26.21
N TYR A 122 25.83 24.97 27.36
CA TYR A 122 26.17 23.57 27.53
C TYR A 122 25.16 22.90 28.44
N VAL A 123 25.26 21.57 28.53
CA VAL A 123 24.41 20.75 29.38
C VAL A 123 25.30 19.82 30.19
N GLU A 124 25.08 19.79 31.51
CA GLU A 124 25.86 18.94 32.41
C GLU A 124 25.19 17.58 32.51
N PHE A 125 26.01 16.53 32.48
CA PHE A 125 25.55 15.15 32.54
C PHE A 125 26.35 14.38 33.58
N ASP A 126 25.66 13.53 34.35
CA ASP A 126 26.32 12.61 35.26
C ASP A 126 25.63 11.24 35.29
N PRO A 127 26.40 10.16 35.51
CA PRO A 127 25.76 8.84 35.61
C PRO A 127 24.79 8.71 36.76
N HIS A 128 25.03 9.41 37.87
CA HIS A 128 24.25 9.18 39.08
C HIS A 128 22.79 9.59 38.90
N ASN A 129 22.54 10.86 38.64
CA ASN A 129 21.18 11.36 38.42
C ASN A 129 20.84 11.23 36.94
N MET A 130 20.64 9.97 36.53
CA MET A 130 20.46 9.66 35.12
C MET A 130 19.14 10.21 34.57
N THR A 131 18.05 10.04 35.31
CA THR A 131 16.74 10.45 34.80
C THR A 131 16.70 11.95 34.56
N ARG A 132 17.21 12.75 35.49
CA ARG A 132 17.24 14.19 35.30
C ARG A 132 18.23 14.58 34.20
N SER A 133 19.37 13.89 34.15
CA SER A 133 20.37 14.20 33.12
C SER A 133 19.84 13.92 31.72
N LEU A 134 19.13 12.81 31.55
CA LEU A 134 18.54 12.49 30.25
C LEU A 134 17.48 13.51 29.86
N GLY A 135 16.66 13.94 30.83
CA GLY A 135 15.66 14.95 30.53
C GLY A 135 16.25 16.28 30.12
N SER A 136 17.33 16.69 30.80
CA SER A 136 18.00 17.94 30.43
C SER A 136 18.63 17.83 29.05
N VAL A 137 19.22 16.68 28.73
CA VAL A 137 19.84 16.48 27.43
C VAL A 137 18.78 16.48 26.33
N ALA A 138 17.70 15.72 26.54
CA ALA A 138 16.65 15.63 25.52
C ALA A 138 15.97 16.96 25.31
N GLU A 139 15.70 17.70 26.39
CA GLU A 139 14.96 18.96 26.26
C GLU A 139 15.78 20.03 25.55
N ALA A 140 17.10 20.04 25.78
CA ALA A 140 17.96 20.99 25.09
C ALA A 140 17.90 20.77 23.57
N LEU A 141 17.68 19.53 23.15
CA LEU A 141 17.40 19.26 21.75
C LEU A 141 16.10 19.94 21.31
N TRP A 142 15.11 19.99 22.20
CA TRP A 142 13.82 20.57 21.89
C TRP A 142 13.69 22.03 22.30
N GLN A 143 14.75 22.66 22.81
CA GLN A 143 14.66 24.06 23.21
C GLN A 143 14.37 24.96 22.02
N ASN A 144 15.22 24.91 21.00
CA ASN A 144 15.12 25.80 19.84
C ASN A 144 14.31 25.18 18.71
N GLU A 145 13.51 24.16 19.01
CA GLU A 145 12.78 23.41 18.02
C GLU A 145 11.27 23.65 18.17
N ALA A 146 10.52 23.24 17.16
CA ALA A 146 9.07 23.31 17.16
C ALA A 146 8.50 22.21 18.04
N VAL A 147 7.22 21.87 17.82
CA VAL A 147 6.47 20.93 18.66
C VAL A 147 7.33 19.74 19.08
N ARG A 148 7.36 19.47 20.37
CA ARG A 148 8.27 18.50 20.97
C ARG A 148 7.80 17.07 20.68
N PHE A 149 8.56 16.11 21.21
CA PHE A 149 8.22 14.70 21.07
C PHE A 149 8.82 13.94 22.25
N GLU A 150 7.96 13.58 23.21
CA GLU A 150 8.40 12.83 24.37
C GLU A 150 8.68 11.38 23.98
N PRO A 151 9.49 10.67 24.76
CA PRO A 151 9.79 9.26 24.44
C PRO A 151 8.52 8.42 24.43
N ILE A 152 8.50 7.44 23.54
CA ILE A 152 7.33 6.58 23.39
C ILE A 152 7.19 5.68 24.61
N ARG A 153 5.98 5.64 25.17
CA ARG A 153 5.67 4.83 26.33
C ARG A 153 4.63 3.79 25.95
N MET A 154 4.89 2.52 26.28
CA MET A 154 3.96 1.43 26.02
C MET A 154 3.09 1.23 27.25
N ILE A 155 1.80 1.51 27.09
CA ILE A 155 0.84 1.42 28.19
C ILE A 155 -0.30 0.49 27.77
N LYS A 156 -0.85 -0.23 28.74
CA LYS A 156 -1.95 -1.15 28.50
C LYS A 156 -3.23 -0.54 29.07
N VAL A 157 -4.15 -0.19 28.18
CA VAL A 157 -5.42 0.43 28.57
C VAL A 157 -6.55 -0.51 28.19
N ASN A 158 -7.40 -0.84 29.16
CA ASN A 158 -8.54 -1.72 28.96
C ASN A 158 -8.11 -3.08 28.40
N GLY A 159 -6.94 -3.54 28.86
CA GLY A 159 -6.42 -4.82 28.42
C GLY A 159 -5.83 -4.85 27.03
N THR A 160 -5.64 -3.69 26.40
CA THR A 160 -5.11 -3.61 25.05
C THR A 160 -3.74 -2.96 25.08
N GLU A 161 -2.74 -3.64 24.53
CA GLU A 161 -1.39 -3.10 24.45
C GLU A 161 -1.35 -1.96 23.45
N LEU A 162 -0.63 -0.89 23.79
CA LEU A 162 -0.60 0.31 22.98
C LEU A 162 0.60 1.15 23.37
N GLN A 163 1.12 1.91 22.40
CA GLN A 163 2.21 2.85 22.62
C GLN A 163 1.72 4.25 22.30
N VAL A 164 2.15 5.22 23.12
CA VAL A 164 1.69 6.60 23.01
C VAL A 164 2.82 7.45 22.45
N VAL A 165 2.50 8.23 21.42
CA VAL A 165 3.42 9.20 20.84
C VAL A 165 3.01 10.56 21.38
N GLU A 166 3.68 11.01 22.44
CA GLU A 166 3.34 12.26 23.09
C GLU A 166 4.12 13.40 22.45
N PHE A 167 3.40 14.42 21.99
CA PHE A 167 3.99 15.61 21.40
C PHE A 167 3.37 16.85 22.02
N LYS A 168 4.20 17.82 22.37
CA LYS A 168 3.75 19.07 22.95
C LYS A 168 4.21 20.24 22.11
N ILE A 169 3.30 21.18 21.87
CA ILE A 169 3.54 22.34 21.03
C ILE A 169 4.13 23.45 21.91
N PRO A 170 5.29 24.01 21.58
CA PRO A 170 5.84 25.07 22.40
C PRO A 170 5.26 26.45 22.10
N GLY A 171 4.66 27.04 23.13
CA GLY A 171 3.76 28.15 22.97
C GLY A 171 2.31 27.73 22.82
N SER A 172 1.61 28.25 21.83
CA SER A 172 0.24 27.81 21.57
C SER A 172 -0.06 27.71 20.07
N ASN A 173 0.94 27.97 19.23
CA ASN A 173 0.73 27.98 17.79
C ASN A 173 2.02 27.65 17.07
N LEU A 174 1.89 27.18 15.83
CA LEU A 174 3.01 26.96 14.92
C LEU A 174 2.73 27.67 13.60
N PRO A 175 3.77 27.96 12.82
CA PRO A 175 3.54 28.58 11.51
C PRO A 175 2.67 27.69 10.63
N VAL A 176 1.83 28.33 9.82
CA VAL A 176 0.89 27.60 8.98
C VAL A 176 1.63 26.79 7.92
N ASP A 177 2.86 27.20 7.59
CA ASP A 177 3.69 26.47 6.64
C ASP A 177 4.83 25.70 7.31
N PHE A 178 4.67 25.39 8.60
CA PHE A 178 5.73 24.69 9.33
C PHE A 178 5.95 23.29 8.77
N LEU A 179 4.89 22.63 8.30
CA LEU A 179 5.02 21.28 7.76
C LEU A 179 5.93 21.24 6.54
N HIS A 180 6.08 22.34 5.82
CA HIS A 180 6.96 22.36 4.66
C HIS A 180 8.42 22.17 5.07
N HIS A 181 8.85 22.82 6.14
CA HIS A 181 10.24 22.79 6.56
C HIS A 181 10.52 21.77 7.66
N TRP A 182 9.52 20.96 8.03
CA TRP A 182 9.74 19.90 9.01
C TRP A 182 10.57 18.79 8.36
N ASP A 183 11.59 18.34 9.09
CA ASP A 183 12.50 17.29 8.61
C ASP A 183 12.26 15.99 9.35
N LEU A 184 11.01 15.77 9.78
CA LEU A 184 10.64 14.54 10.48
C LEU A 184 9.57 13.82 9.68
N LYS A 185 9.94 12.70 9.08
CA LYS A 185 8.97 11.79 8.46
C LYS A 185 9.00 10.47 9.23
N ILE A 186 7.82 10.01 9.64
CA ILE A 186 7.72 8.93 10.60
C ILE A 186 7.91 7.55 9.99
N GLU A 187 8.03 7.45 8.66
CA GLU A 187 8.23 6.15 8.04
C GLU A 187 9.57 5.53 8.40
N ASP A 188 10.57 6.34 8.74
CA ASP A 188 11.89 5.83 9.08
C ASP A 188 11.97 5.34 10.53
N PHE A 189 10.95 5.60 11.35
CA PHE A 189 10.97 5.21 12.75
C PHE A 189 10.02 4.07 13.06
N ILE A 190 9.55 3.36 12.04
CA ILE A 190 8.64 2.22 12.21
C ILE A 190 9.44 0.93 12.04
N ALA A 191 9.36 0.06 13.03
CA ALA A 191 10.08 -1.21 12.95
C ALA A 191 9.42 -2.14 11.95
N THR A 192 10.26 -2.86 11.20
CA THR A 192 9.77 -3.85 10.24
C THR A 192 9.77 -5.27 10.80
N SER A 193 10.58 -5.53 11.83
CA SER A 193 10.65 -6.84 12.45
C SER A 193 10.56 -6.68 13.96
N PRO A 194 9.99 -7.67 14.67
CA PRO A 194 9.90 -7.55 16.13
C PRO A 194 11.25 -7.44 16.81
N ASN A 195 12.27 -8.12 16.29
CA ASN A 195 13.60 -8.05 16.90
C ASN A 195 14.30 -6.73 16.62
N GLU A 196 13.99 -6.09 15.49
CA GLU A 196 14.60 -4.81 15.17
C GLU A 196 14.11 -3.73 16.14
N GLN A 197 15.06 -2.96 16.66
CA GLN A 197 14.74 -1.91 17.63
C GLN A 197 14.48 -0.60 16.87
N LYS A 198 13.38 0.06 17.20
CA LYS A 198 12.94 1.27 16.54
C LYS A 198 12.08 2.06 17.52
N PRO A 199 11.91 3.37 17.30
CA PRO A 199 11.02 4.14 18.18
C PRO A 199 9.59 3.61 18.21
N VAL A 200 9.10 3.11 17.09
CA VAL A 200 7.74 2.55 17.00
C VAL A 200 7.85 1.04 16.86
N LYS A 201 7.25 0.32 17.79
CA LYS A 201 7.30 -1.14 17.75
C LYS A 201 6.51 -1.67 16.56
N PHE A 202 7.00 -2.78 16.00
CA PHE A 202 6.35 -3.39 14.84
C PHE A 202 5.02 -4.03 15.25
N ASP A 203 3.98 -3.72 14.49
CA ASP A 203 2.62 -4.27 14.63
C ASP A 203 1.94 -3.83 15.92
N VAL A 204 2.61 -3.09 16.78
CA VAL A 204 2.00 -2.60 18.02
C VAL A 204 1.16 -1.36 17.70
N PRO A 205 -0.09 -1.29 18.15
CA PRO A 205 -0.90 -0.10 17.85
C PRO A 205 -0.26 1.17 18.38
N VAL A 206 -0.34 2.23 17.58
CA VAL A 206 0.29 3.51 17.89
C VAL A 206 -0.79 4.54 18.16
N ALA A 207 -0.60 5.31 19.22
CA ALA A 207 -1.56 6.34 19.63
C ALA A 207 -0.88 7.70 19.64
N LEU A 208 -1.63 8.73 19.27
CA LEU A 208 -1.16 10.10 19.28
C LEU A 208 -1.82 10.86 20.42
N TYR A 209 -1.03 11.52 21.24
CA TYR A 209 -1.52 12.19 22.44
C TYR A 209 -1.00 13.62 22.47
N GLY A 210 -1.83 14.52 22.98
CA GLY A 210 -1.47 15.92 23.10
C GLY A 210 -2.28 16.81 22.18
N PRO A 211 -2.56 18.03 22.62
CA PRO A 211 -3.32 18.96 21.79
C PRO A 211 -2.53 19.38 20.57
N GLY A 212 -3.26 19.65 19.48
CA GLY A 212 -2.64 20.08 18.24
C GLY A 212 -3.65 20.32 17.15
N PRO A 213 -3.21 20.91 16.05
CA PRO A 213 -4.11 21.18 14.92
C PRO A 213 -4.48 19.88 14.20
N ASN A 214 -5.58 19.97 13.43
CA ASN A 214 -6.09 18.79 12.74
C ASN A 214 -5.12 18.30 11.67
N TRP A 215 -4.47 19.23 10.96
CA TRP A 215 -3.55 18.82 9.91
C TRP A 215 -2.31 18.13 10.49
N LEU A 216 -1.86 18.55 11.67
CA LEU A 216 -0.74 17.86 12.31
C LEU A 216 -1.11 16.42 12.67
N TYR A 217 -2.33 16.21 13.16
CA TYR A 217 -2.78 14.85 13.44
C TYR A 217 -2.88 14.04 12.17
N ALA A 218 -3.41 14.63 11.09
CA ALA A 218 -3.52 13.92 9.83
C ALA A 218 -2.14 13.62 9.24
N PHE A 219 -1.21 14.57 9.39
CA PHE A 219 0.13 14.37 8.84
C PHE A 219 0.85 13.21 9.51
N LEU A 220 0.66 13.04 10.82
CA LEU A 220 1.32 11.96 11.54
C LEU A 220 0.60 10.64 11.37
N THR A 221 -0.73 10.67 11.25
CA THR A 221 -1.51 9.44 11.15
C THR A 221 -1.35 8.79 9.77
N LEU A 222 -1.28 9.59 8.71
CA LEU A 222 -1.31 9.05 7.35
C LEU A 222 -0.20 8.06 7.05
N PRO A 223 1.07 8.31 7.38
CA PRO A 223 2.12 7.34 7.03
C PRO A 223 2.02 6.01 7.77
N PHE A 224 1.05 5.84 8.66
CA PHE A 224 0.90 4.60 9.42
C PHE A 224 -0.02 3.60 8.75
N LYS A 225 -0.54 3.89 7.56
CA LYS A 225 -1.40 2.95 6.88
C LYS A 225 -0.62 1.69 6.50
N ASN A 226 -1.24 0.53 6.74
CA ASN A 226 -0.65 -0.79 6.52
C ASN A 226 0.62 -1.01 7.32
N ARG A 227 0.86 -0.20 8.34
CA ARG A 227 2.03 -0.35 9.20
C ARG A 227 1.66 -0.65 10.65
N ASN A 228 0.82 0.20 11.26
CA ASN A 228 0.40 -0.01 12.63
C ASN A 228 -1.04 0.49 12.79
N THR A 229 -1.72 -0.03 13.81
CA THR A 229 -3.05 0.45 14.15
C THR A 229 -2.94 1.84 14.79
N VAL A 230 -3.74 2.78 14.31
CA VAL A 230 -3.65 4.17 14.71
C VAL A 230 -4.75 4.47 15.73
N PHE A 231 -4.36 5.10 16.84
CA PHE A 231 -5.28 5.56 17.86
C PHE A 231 -5.15 7.06 18.02
N VAL A 232 -6.28 7.74 18.20
CA VAL A 232 -6.32 9.19 18.33
C VAL A 232 -7.01 9.55 19.64
N PHE A 233 -6.42 10.48 20.38
CA PHE A 233 -6.96 10.91 21.66
C PHE A 233 -7.83 12.14 21.45
N ASN A 234 -9.06 12.09 21.97
CA ASN A 234 -9.99 13.20 21.92
C ASN A 234 -10.20 13.73 23.33
N SER A 235 -9.94 15.03 23.51
CA SER A 235 -10.03 15.64 24.83
C SER A 235 -11.45 16.02 25.22
N ARG A 236 -12.42 15.88 24.32
CA ARG A 236 -13.79 16.20 24.68
C ARG A 236 -14.31 15.30 25.79
N THR A 237 -13.98 14.01 25.72
CA THR A 237 -14.36 13.05 26.75
C THR A 237 -13.18 12.27 27.31
N SER A 238 -11.99 12.41 26.71
CA SER A 238 -10.76 11.83 27.22
C SER A 238 -10.76 10.30 27.17
N GLU A 239 -10.99 9.75 25.98
CA GLU A 239 -10.61 8.38 25.67
C GLU A 239 -9.99 8.33 24.28
N TYR A 240 -9.14 7.33 24.06
CA TYR A 240 -8.51 7.14 22.76
C TYR A 240 -9.51 6.62 21.76
N ILE A 241 -9.37 7.06 20.51
CA ILE A 241 -10.28 6.70 19.42
C ILE A 241 -9.50 5.90 18.39
N CYS A 242 -10.04 4.73 18.01
CA CYS A 242 -9.44 3.89 17.01
C CYS A 242 -9.90 4.32 15.62
N VAL A 243 -8.96 4.57 14.73
CA VAL A 243 -9.26 5.02 13.37
C VAL A 243 -8.78 4.04 12.31
N TYR A 244 -7.90 3.11 12.67
CA TYR A 244 -7.38 2.13 11.72
C TYR A 244 -7.48 0.74 12.32
N SER A 245 -7.79 -0.24 11.48
CA SER A 245 -7.93 -1.64 11.90
C SER A 245 -6.93 -2.48 11.12
N LYS A 246 -5.74 -2.64 11.67
CA LYS A 246 -4.73 -3.52 11.11
C LYS A 246 -4.50 -4.78 11.94
N SER A 247 -4.85 -4.75 13.22
CA SER A 247 -4.75 -5.91 14.09
C SER A 247 -6.11 -6.54 14.27
N ALA A 248 -6.11 -7.87 14.39
CA ALA A 248 -7.36 -8.61 14.54
C ALA A 248 -8.01 -8.31 15.87
N GLY A 249 -9.35 -8.26 15.87
CA GLY A 249 -10.11 -8.02 17.07
C GLY A 249 -10.29 -6.56 17.46
N LEU A 250 -9.72 -5.63 16.70
CA LEU A 250 -9.81 -4.21 17.00
C LEU A 250 -10.48 -3.51 15.82
N ALA A 251 -11.62 -2.88 16.07
CA ALA A 251 -12.36 -2.20 15.02
C ALA A 251 -12.17 -0.69 15.14
N PRO A 252 -12.24 0.04 14.02
CA PRO A 252 -12.08 1.50 14.07
C PRO A 252 -13.30 2.17 14.69
N GLY A 253 -13.13 2.69 15.90
CA GLY A 253 -14.22 3.36 16.59
C GLY A 253 -14.34 3.01 18.06
N MET A 254 -13.58 2.03 18.52
CA MET A 254 -13.63 1.66 19.93
C MET A 254 -12.95 2.73 20.79
N VAL A 255 -13.29 2.73 22.07
CA VAL A 255 -12.79 3.72 23.02
C VAL A 255 -12.02 3.00 24.11
N LEU A 256 -10.96 3.63 24.61
CA LEU A 256 -10.14 3.09 25.68
C LEU A 256 -10.26 4.00 26.89
N LYS A 257 -10.99 3.53 27.91
CA LYS A 257 -11.21 4.31 29.11
C LYS A 257 -9.88 4.43 29.88
N GLY A 258 -9.36 5.66 29.93
CA GLY A 258 -8.11 5.91 30.62
C GLY A 258 -8.30 6.27 32.07
N PRO D 2 -23.60 5.31 3.44
CA PRO D 2 -25.05 5.11 3.58
C PRO D 2 -25.70 4.69 2.27
N GLN D 3 -25.89 3.37 2.14
CA GLN D 3 -26.26 2.73 0.89
C GLN D 3 -27.64 3.20 0.46
N ALA D 4 -27.93 3.07 -0.83
CA ALA D 4 -29.21 3.46 -1.40
C ALA D 4 -29.62 2.46 -2.48
N PHE D 5 -30.86 1.98 -2.40
CA PHE D 5 -31.42 1.07 -3.39
C PHE D 5 -32.54 1.80 -4.12
N PHE D 6 -32.52 1.73 -5.45
CA PHE D 6 -33.43 2.49 -6.29
C PHE D 6 -34.43 1.51 -6.89
N SER D 7 -35.72 1.75 -6.65
CA SER D 7 -36.80 0.99 -7.27
C SER D 7 -37.57 1.91 -8.20
N HIS D 8 -37.59 1.57 -9.50
CA HIS D 8 -38.12 2.47 -10.51
C HIS D 8 -38.51 1.68 -11.75
N ASN D 9 -39.17 2.37 -12.66
CA ASN D 9 -39.51 1.83 -13.97
C ASN D 9 -38.67 2.49 -15.06
N ASN D 10 -38.50 1.79 -16.17
CA ASN D 10 -37.69 2.30 -17.27
C ASN D 10 -38.29 3.54 -17.93
N LYS D 11 -39.58 3.80 -17.72
CA LYS D 11 -40.14 5.06 -18.18
C LYS D 11 -39.54 6.24 -17.42
N ASP D 12 -39.12 6.00 -16.17
CA ASP D 12 -38.42 6.99 -15.36
C ASP D 12 -36.91 6.74 -15.33
N LYS D 13 -36.41 5.84 -16.18
CA LYS D 13 -34.99 5.55 -16.23
C LYS D 13 -34.16 6.81 -16.45
N LYS D 14 -34.68 7.75 -17.24
CA LYS D 14 -33.89 8.93 -17.62
C LYS D 14 -33.56 9.75 -16.37
N ILE D 15 -34.52 9.93 -15.47
CA ILE D 15 -34.27 10.73 -14.28
C ILE D 15 -33.49 9.96 -13.21
N VAL D 16 -33.41 8.64 -13.31
CA VAL D 16 -32.97 7.84 -12.16
C VAL D 16 -31.45 7.90 -11.99
N LEU D 17 -30.70 7.56 -13.05
CA LEU D 17 -29.25 7.63 -12.96
C LEU D 17 -28.77 9.05 -12.68
N GLU D 18 -29.30 10.03 -13.41
CA GLU D 18 -28.90 11.41 -13.18
C GLU D 18 -29.23 11.88 -11.76
N VAL D 19 -30.36 11.43 -11.20
CA VAL D 19 -30.57 11.62 -9.76
C VAL D 19 -29.51 10.89 -8.97
N LEU D 20 -29.23 9.64 -9.34
CA LEU D 20 -28.23 8.84 -8.66
C LEU D 20 -26.84 9.45 -8.81
N GLU D 21 -26.53 9.97 -9.99
CA GLU D 21 -25.21 10.56 -10.23
C GLU D 21 -24.94 11.70 -9.26
N HIS D 22 -25.96 12.54 -9.01
CA HIS D 22 -25.83 13.57 -7.99
C HIS D 22 -25.63 12.94 -6.61
N LEU D 23 -26.37 11.87 -6.32
CA LEU D 23 -26.24 11.22 -5.02
C LEU D 23 -24.89 10.53 -4.87
N ARG D 24 -24.33 10.01 -5.97
CA ARG D 24 -23.03 9.35 -5.90
C ARG D 24 -21.93 10.33 -5.49
N GLN D 25 -21.99 11.56 -6.02
CA GLN D 25 -20.99 12.56 -5.65
C GLN D 25 -21.08 12.96 -4.18
N SER D 26 -22.18 12.62 -3.51
CA SER D 26 -22.36 12.92 -2.09
C SER D 26 -21.81 11.82 -1.19
N LEU D 27 -20.85 11.03 -1.68
CA LEU D 27 -20.25 9.93 -0.92
C LEU D 27 -21.29 8.94 -0.41
N VAL D 28 -22.30 8.67 -1.23
CA VAL D 28 -23.39 7.77 -0.89
C VAL D 28 -23.26 6.52 -1.74
N ALA D 29 -23.34 5.35 -1.12
CA ALA D 29 -23.36 4.10 -1.87
C ALA D 29 -24.70 3.96 -2.58
N THR D 30 -24.65 3.74 -3.89
CA THR D 30 -25.83 3.66 -4.73
C THR D 30 -25.85 2.34 -5.51
N TRP D 31 -26.99 1.66 -5.44
CA TRP D 31 -27.12 0.34 -6.12
C TRP D 31 -28.47 0.25 -6.83
N ILE D 32 -28.48 0.55 -8.13
CA ILE D 32 -29.75 0.51 -8.92
C ILE D 32 -30.16 -0.95 -9.13
N ASP D 33 -29.52 -1.64 -10.08
CA ASP D 33 -29.91 -3.04 -10.38
C ASP D 33 -28.66 -3.92 -10.45
N GLN D 34 -28.72 -5.11 -9.84
CA GLN D 34 -27.55 -6.05 -9.83
C GLN D 34 -26.25 -5.26 -9.82
N GLN D 35 -25.90 -4.66 -8.67
CA GLN D 35 -24.61 -3.91 -8.56
C GLN D 35 -23.51 -4.83 -8.04
N SER D 36 -22.32 -4.28 -7.82
CA SER D 36 -21.17 -5.08 -7.34
C SER D 36 -21.63 -6.07 -6.26
N ILE D 37 -22.23 -5.56 -5.18
CA ILE D 37 -22.69 -6.44 -4.07
C ILE D 37 -23.16 -7.78 -4.65
N PRO D 38 -22.46 -8.89 -4.36
CA PRO D 38 -22.87 -10.22 -4.87
C PRO D 38 -24.34 -10.47 -4.53
N GLY D 39 -24.78 -10.05 -3.33
CA GLY D 39 -26.19 -10.23 -2.93
C GLY D 39 -27.12 -10.09 -4.11
N GLY D 40 -27.96 -11.11 -4.36
CA GLY D 40 -28.91 -11.08 -5.48
C GLY D 40 -29.45 -9.68 -5.70
N GLY D 41 -29.17 -9.09 -6.87
CA GLY D 41 -29.67 -7.74 -7.20
C GLY D 41 -30.97 -7.44 -6.50
N SER D 42 -31.97 -8.32 -6.64
CA SER D 42 -33.26 -8.13 -5.94
C SER D 42 -33.02 -7.38 -4.63
N LEU D 43 -33.32 -6.08 -4.60
CA LEU D 43 -33.03 -5.27 -3.41
C LEU D 43 -33.66 -5.91 -2.16
N ILE D 44 -34.61 -6.83 -2.35
CA ILE D 44 -35.30 -7.37 -1.14
C ILE D 44 -34.28 -8.08 -0.25
N GLN D 45 -33.80 -9.26 -0.67
CA GLN D 45 -32.89 -9.97 0.23
C GLN D 45 -31.56 -9.26 0.39
N GLN D 46 -31.27 -8.27 -0.44
CA GLN D 46 -30.08 -7.46 -0.26
C GLN D 46 -30.24 -6.43 0.84
N ILE D 47 -31.46 -6.27 1.38
CA ILE D 47 -31.65 -5.42 2.54
C ILE D 47 -30.90 -5.99 3.75
N ILE D 48 -30.91 -7.31 3.90
CA ILE D 48 -30.25 -7.96 5.04
C ILE D 48 -28.79 -8.07 4.67
N ALA D 49 -28.04 -7.01 4.95
CA ALA D 49 -26.60 -6.96 4.71
C ALA D 49 -25.98 -5.79 5.46
N GLY D 50 -24.99 -6.08 6.31
CA GLY D 50 -24.28 -5.04 7.02
C GLY D 50 -24.87 -4.80 8.40
N ILE D 51 -25.13 -3.54 8.73
CA ILE D 51 -25.60 -3.14 10.04
C ILE D 51 -27.06 -2.76 9.95
N SER D 52 -27.68 -2.53 11.11
CA SER D 52 -29.08 -2.11 11.16
C SER D 52 -29.35 -0.88 10.31
N LYS D 53 -28.42 0.07 10.28
CA LYS D 53 -28.47 1.16 9.32
C LYS D 53 -28.05 0.63 7.94
N SER D 54 -29.03 0.03 7.26
CA SER D 54 -28.78 -0.62 5.98
C SER D 54 -28.75 0.39 4.84
N GLN D 55 -29.86 1.05 4.59
CA GLN D 55 -30.05 1.88 3.40
C GLN D 55 -31.39 2.58 3.53
N TYR D 56 -31.68 3.49 2.59
CA TYR D 56 -32.98 4.14 2.49
C TYR D 56 -33.59 3.81 1.13
N PHE D 57 -34.72 3.10 1.15
CA PHE D 57 -35.38 2.71 -0.09
C PHE D 57 -35.95 3.93 -0.80
N LEU D 58 -35.55 4.14 -2.06
CA LEU D 58 -36.05 5.23 -2.88
C LEU D 58 -37.15 4.69 -3.78
N ALA D 59 -38.40 4.95 -3.39
CA ALA D 59 -39.56 4.53 -4.19
C ALA D 59 -39.85 5.60 -5.22
N PHE D 60 -39.39 5.39 -6.45
CA PHE D 60 -39.58 6.34 -7.54
C PHE D 60 -41.03 6.26 -8.02
N LEU D 61 -41.93 6.77 -7.20
CA LEU D 61 -43.36 6.67 -7.48
C LEU D 61 -43.74 7.53 -8.67
N SER D 62 -44.46 6.93 -9.60
CA SER D 62 -44.94 7.62 -10.79
C SER D 62 -46.14 6.85 -11.33
N ASN D 63 -46.89 7.50 -12.23
CA ASN D 63 -48.12 6.90 -12.73
C ASN D 63 -47.84 5.58 -13.46
N GLU D 64 -46.80 5.54 -14.28
CA GLU D 64 -46.44 4.30 -14.95
C GLU D 64 -45.85 3.30 -13.98
N TYR D 65 -45.21 3.78 -12.91
CA TYR D 65 -44.69 2.88 -11.88
C TYR D 65 -45.82 2.19 -11.14
N LEU D 66 -46.91 2.92 -10.87
CA LEU D 66 -48.05 2.37 -10.16
C LEU D 66 -48.83 1.34 -10.96
N LYS D 67 -48.54 1.25 -12.27
CA LYS D 67 -49.18 0.20 -13.11
C LYS D 67 -48.26 -1.03 -13.11
N SER D 68 -47.01 -0.86 -12.65
CA SER D 68 -46.03 -1.98 -12.67
C SER D 68 -46.34 -2.97 -11.54
N ASP D 69 -47.15 -3.98 -11.81
CA ASP D 69 -47.50 -5.00 -10.79
C ASP D 69 -46.22 -5.73 -10.37
N TRP D 70 -45.39 -6.11 -11.35
CA TRP D 70 -44.10 -6.79 -11.04
C TRP D 70 -43.29 -5.90 -10.10
N CYS D 71 -43.70 -4.64 -9.96
CA CYS D 71 -43.01 -3.71 -9.05
C CYS D 71 -43.86 -3.49 -7.80
N TRP D 72 -45.19 -3.61 -7.90
CA TRP D 72 -45.94 -3.34 -6.64
C TRP D 72 -45.39 -4.22 -5.53
N ASP D 73 -45.11 -5.50 -5.83
CA ASP D 73 -44.58 -6.43 -4.82
C ASP D 73 -43.30 -5.85 -4.21
N GLU D 74 -42.37 -5.43 -5.06
CA GLU D 74 -41.08 -4.88 -4.58
C GLU D 74 -41.33 -4.03 -3.34
N LEU D 75 -42.33 -3.14 -3.41
CA LEU D 75 -42.61 -2.22 -2.28
C LEU D 75 -43.12 -3.01 -1.07
N GLU D 76 -44.09 -3.92 -1.27
CA GLU D 76 -44.64 -4.61 -0.11
C GLU D 76 -43.54 -5.11 0.82
N GLN D 77 -42.67 -5.97 0.30
CA GLN D 77 -41.62 -6.57 1.13
C GLN D 77 -40.66 -5.51 1.65
N ALA D 78 -40.44 -4.43 0.88
CA ALA D 78 -39.65 -3.32 1.39
C ALA D 78 -40.35 -2.64 2.55
N TYR D 79 -41.67 -2.44 2.45
CA TYR D 79 -42.41 -1.79 3.52
C TYR D 79 -42.74 -2.77 4.64
N ALA D 80 -42.98 -4.04 4.30
CA ALA D 80 -43.35 -5.01 5.32
C ALA D 80 -42.23 -5.20 6.35
N LEU D 81 -40.99 -5.29 5.88
CA LEU D 81 -39.85 -5.39 6.79
C LEU D 81 -39.42 -4.03 7.31
N HIS D 82 -39.91 -2.94 6.72
CA HIS D 82 -39.60 -1.61 7.22
C HIS D 82 -40.18 -1.39 8.61
N GLN D 83 -41.32 -2.03 8.92
CA GLN D 83 -41.88 -1.94 10.26
C GLN D 83 -40.94 -2.55 11.30
N LYS D 84 -40.09 -3.48 10.88
CA LYS D 84 -39.08 -4.05 11.77
C LYS D 84 -37.96 -3.06 12.08
N GLY D 85 -37.91 -1.92 11.39
CA GLY D 85 -36.88 -0.93 11.62
C GLY D 85 -35.58 -1.16 10.89
N LYS D 86 -35.50 -2.20 10.06
CA LYS D 86 -34.25 -2.50 9.36
C LYS D 86 -33.95 -1.49 8.27
N VAL D 87 -34.97 -1.13 7.48
CA VAL D 87 -34.81 -0.17 6.39
C VAL D 87 -35.96 0.82 6.44
N LYS D 88 -35.68 2.05 6.01
CA LYS D 88 -36.70 3.08 5.87
C LYS D 88 -36.80 3.47 4.40
N ILE D 89 -38.01 3.81 3.98
CA ILE D 89 -38.31 4.09 2.58
C ILE D 89 -38.47 5.59 2.40
N ILE D 90 -37.94 6.12 1.30
CA ILE D 90 -38.23 7.49 0.90
C ILE D 90 -38.92 7.46 -0.47
N PRO D 91 -40.23 7.72 -0.50
CA PRO D 91 -40.95 7.69 -1.78
C PRO D 91 -40.72 8.98 -2.55
N ILE D 92 -40.30 8.85 -3.81
CA ILE D 92 -40.00 9.99 -4.67
C ILE D 92 -41.13 10.12 -5.67
N LEU D 93 -41.80 11.27 -5.66
CA LEU D 93 -42.94 11.52 -6.54
C LEU D 93 -42.45 12.23 -7.80
N LEU D 94 -42.37 11.49 -8.91
CA LEU D 94 -42.06 12.13 -10.19
C LEU D 94 -43.16 13.10 -10.60
N THR D 95 -44.42 12.71 -10.40
CA THR D 95 -45.56 13.58 -10.58
C THR D 95 -46.13 13.95 -9.23
N ASN D 96 -46.80 15.09 -9.18
CA ASN D 96 -47.34 15.59 -7.92
C ASN D 96 -48.44 14.67 -7.41
N ARG D 97 -48.74 14.80 -6.11
CA ARG D 97 -49.74 13.95 -5.48
C ARG D 97 -51.13 14.18 -6.07
N ALA D 98 -51.38 15.37 -6.62
CA ALA D 98 -52.71 15.70 -7.11
C ALA D 98 -53.15 14.79 -8.25
N GLN D 99 -52.26 14.53 -9.22
CA GLN D 99 -52.61 13.78 -10.41
C GLN D 99 -52.09 12.35 -10.38
N LEU D 100 -51.80 11.80 -9.20
CA LEU D 100 -51.45 10.39 -9.11
C LEU D 100 -52.67 9.53 -9.40
N ASP D 101 -52.52 8.58 -10.32
CA ASP D 101 -53.64 7.77 -10.79
C ASP D 101 -53.93 6.69 -9.74
N LEU D 102 -54.65 7.10 -8.69
CA LEU D 102 -55.05 6.17 -7.64
C LEU D 102 -56.29 5.36 -8.04
N ASN D 103 -57.07 5.82 -9.02
CA ASN D 103 -58.30 5.14 -9.37
C ASN D 103 -58.03 3.76 -9.97
N ALA D 104 -56.99 3.64 -10.80
CA ALA D 104 -56.68 2.35 -11.42
C ALA D 104 -56.26 1.32 -10.37
N LEU D 105 -55.69 1.79 -9.27
CA LEU D 105 -55.29 0.89 -8.19
C LEU D 105 -56.51 0.26 -7.53
N THR D 106 -56.37 -0.98 -7.10
CA THR D 106 -57.45 -1.67 -6.41
C THR D 106 -57.64 -1.08 -5.02
N ASP D 107 -58.65 -1.59 -4.31
CA ASP D 107 -58.93 -1.10 -2.96
C ASP D 107 -57.77 -1.37 -2.02
N ALA D 108 -57.20 -2.57 -2.09
CA ALA D 108 -56.05 -2.89 -1.25
C ALA D 108 -54.83 -2.06 -1.63
N ARG D 109 -54.59 -1.87 -2.94
CA ARG D 109 -53.44 -1.10 -3.39
C ARG D 109 -53.57 0.37 -2.99
N ARG D 110 -54.77 0.95 -3.15
CA ARG D 110 -54.97 2.35 -2.80
C ARG D 110 -54.87 2.57 -1.30
N ASN D 111 -55.43 1.65 -0.51
CA ASN D 111 -55.34 1.77 0.95
C ASN D 111 -53.89 1.65 1.41
N PHE D 112 -53.13 0.74 0.80
CA PHE D 112 -51.73 0.60 1.15
C PHE D 112 -50.93 1.84 0.80
N LEU D 113 -51.12 2.37 -0.41
CA LEU D 113 -50.35 3.53 -0.83
C LEU D 113 -50.71 4.77 0.00
N GLU D 114 -51.99 4.97 0.29
CA GLU D 114 -52.40 6.16 1.03
C GLU D 114 -51.85 6.14 2.45
N SER D 115 -51.77 4.95 3.06
CA SER D 115 -51.24 4.85 4.41
C SER D 115 -49.77 5.25 4.48
N ILE D 116 -48.98 4.81 3.50
CA ILE D 116 -47.54 5.10 3.53
C ILE D 116 -47.21 6.51 3.04
N LEU D 117 -48.13 7.16 2.33
CA LEU D 117 -47.83 8.52 1.86
C LEU D 117 -48.14 9.55 2.93
N THR D 118 -49.09 9.25 3.82
CA THR D 118 -49.44 10.18 4.89
C THR D 118 -48.57 9.99 6.13
N ARG D 119 -48.52 8.79 6.69
CA ARG D 119 -47.71 8.55 7.88
C ARG D 119 -46.23 8.65 7.60
N LEU D 120 -45.76 8.10 6.47
CA LEU D 120 -44.35 8.13 6.10
C LEU D 120 -44.14 9.27 5.12
N LYS D 121 -42.99 9.93 5.23
CA LYS D 121 -42.78 11.19 4.52
C LYS D 121 -42.22 10.97 3.14
N TYR D 122 -42.74 11.70 2.16
CA TYR D 122 -42.33 11.62 0.77
C TYR D 122 -41.60 12.89 0.35
N VAL D 123 -41.02 12.84 -0.85
CA VAL D 123 -40.31 13.98 -1.43
C VAL D 123 -40.82 14.18 -2.85
N GLU D 124 -41.20 15.41 -3.19
CA GLU D 124 -41.70 15.75 -4.50
C GLU D 124 -40.54 16.11 -5.42
N PHE D 125 -40.59 15.63 -6.66
CA PHE D 125 -39.55 15.84 -7.65
C PHE D 125 -40.17 16.29 -8.96
N ASP D 126 -39.53 17.27 -9.62
CA ASP D 126 -39.92 17.68 -10.96
C ASP D 126 -38.71 17.97 -11.84
N PRO D 127 -38.80 17.74 -13.15
CA PRO D 127 -37.68 18.07 -14.04
C PRO D 127 -37.36 19.56 -14.08
N HIS D 128 -38.36 20.42 -13.92
CA HIS D 128 -38.17 21.85 -14.15
C HIS D 128 -37.22 22.45 -13.11
N ASN D 129 -37.60 22.42 -11.83
CA ASN D 129 -36.76 22.95 -10.77
C ASN D 129 -35.81 21.84 -10.29
N MET D 130 -34.84 21.54 -11.15
CA MET D 130 -33.96 20.41 -10.91
C MET D 130 -33.05 20.64 -9.72
N THR D 131 -32.44 21.83 -9.62
CA THR D 131 -31.47 22.07 -8.55
C THR D 131 -32.12 21.95 -7.18
N ARG D 132 -33.31 22.54 -7.00
CA ARG D 132 -34.01 22.41 -5.73
C ARG D 132 -34.48 20.99 -5.49
N SER D 133 -34.96 20.32 -6.55
CA SER D 133 -35.43 18.94 -6.40
C SER D 133 -34.30 18.01 -5.99
N LEU D 134 -33.13 18.17 -6.59
CA LEU D 134 -31.99 17.33 -6.21
C LEU D 134 -31.57 17.60 -4.76
N GLY D 135 -31.59 18.86 -4.35
CA GLY D 135 -31.24 19.17 -2.97
C GLY D 135 -32.21 18.58 -1.97
N SER D 136 -33.51 18.62 -2.28
CA SER D 136 -34.51 18.02 -1.39
C SER D 136 -34.35 16.51 -1.34
N VAL D 137 -34.04 15.88 -2.48
CA VAL D 137 -33.87 14.43 -2.52
C VAL D 137 -32.62 14.04 -1.74
N ALA D 138 -31.51 14.74 -1.97
CA ALA D 138 -30.26 14.39 -1.30
C ALA D 138 -30.35 14.63 0.20
N GLU D 139 -31.00 15.72 0.62
CA GLU D 139 -31.04 16.04 2.03
C GLU D 139 -31.92 15.07 2.81
N ALA D 140 -33.00 14.59 2.18
CA ALA D 140 -33.85 13.60 2.83
C ALA D 140 -33.07 12.33 3.14
N LEU D 141 -32.07 12.01 2.29
CA LEU D 141 -31.14 10.94 2.62
C LEU D 141 -30.35 11.25 3.87
N TRP D 142 -30.01 12.53 4.08
CA TRP D 142 -29.22 12.95 5.22
C TRP D 142 -30.05 13.44 6.40
N GLN D 143 -31.39 13.36 6.32
CA GLN D 143 -32.22 13.82 7.43
C GLN D 143 -31.98 12.99 8.69
N ASN D 144 -32.16 11.68 8.59
CA ASN D 144 -32.07 10.77 9.73
C ASN D 144 -30.67 10.19 9.90
N GLU D 145 -29.67 10.81 9.28
CA GLU D 145 -28.31 10.29 9.25
C GLU D 145 -27.40 11.21 10.06
N ALA D 146 -26.19 10.70 10.34
CA ALA D 146 -25.15 11.46 11.02
C ALA D 146 -24.51 12.44 10.05
N VAL D 147 -23.30 12.90 10.38
CA VAL D 147 -22.60 13.96 9.65
C VAL D 147 -22.79 13.82 8.15
N ARG D 148 -23.21 14.91 7.51
CA ARG D 148 -23.63 14.90 6.12
C ARG D 148 -22.42 14.83 5.19
N PHE D 149 -22.69 14.85 3.88
CA PHE D 149 -21.64 14.84 2.87
C PHE D 149 -22.18 15.51 1.61
N GLU D 150 -21.76 16.76 1.39
CA GLU D 150 -22.18 17.49 0.21
C GLU D 150 -21.46 16.96 -1.03
N PRO D 151 -22.02 17.18 -2.22
CA PRO D 151 -21.37 16.69 -3.44
C PRO D 151 -19.98 17.29 -3.62
N ILE D 152 -19.07 16.48 -4.17
CA ILE D 152 -17.70 16.91 -4.36
C ILE D 152 -17.63 17.99 -5.42
N ARG D 153 -16.94 19.09 -5.12
CA ARG D 153 -16.77 20.20 -6.03
C ARG D 153 -15.29 20.36 -6.35
N MET D 154 -14.97 20.46 -7.64
CA MET D 154 -13.60 20.65 -8.09
C MET D 154 -13.35 22.15 -8.24
N ILE D 155 -12.48 22.68 -7.41
CA ILE D 155 -12.16 24.11 -7.41
C ILE D 155 -10.65 24.28 -7.59
N LYS D 156 -10.27 25.36 -8.26
CA LYS D 156 -8.88 25.68 -8.50
C LYS D 156 -8.47 26.85 -7.61
N VAL D 157 -7.60 26.59 -6.64
CA VAL D 157 -7.14 27.58 -5.68
C VAL D 157 -5.65 27.79 -5.88
N ASN D 158 -5.26 29.05 -6.09
CA ASN D 158 -3.85 29.41 -6.29
C ASN D 158 -3.24 28.67 -7.46
N GLY D 159 -4.05 28.42 -8.49
CA GLY D 159 -3.59 27.74 -9.68
C GLY D 159 -3.44 26.24 -9.54
N THR D 160 -3.92 25.65 -8.44
CA THR D 160 -3.80 24.22 -8.19
C THR D 160 -5.18 23.59 -8.24
N GLU D 161 -5.34 22.57 -9.08
CA GLU D 161 -6.58 21.83 -9.17
C GLU D 161 -6.80 21.00 -7.91
N LEU D 162 -8.03 20.98 -7.42
CA LEU D 162 -8.34 20.32 -6.17
C LEU D 162 -9.85 20.08 -6.08
N GLN D 163 -10.22 19.03 -5.37
CA GLN D 163 -11.62 18.70 -5.11
C GLN D 163 -11.87 18.74 -3.60
N VAL D 164 -13.02 19.26 -3.21
CA VAL D 164 -13.36 19.48 -1.80
C VAL D 164 -14.40 18.45 -1.39
N VAL D 165 -14.15 17.77 -0.28
CA VAL D 165 -15.10 16.84 0.32
C VAL D 165 -15.73 17.58 1.49
N GLU D 166 -16.90 18.17 1.27
CA GLU D 166 -17.58 18.96 2.29
C GLU D 166 -18.48 18.07 3.12
N PHE D 167 -18.29 18.09 4.43
CA PHE D 167 -19.11 17.34 5.36
C PHE D 167 -19.55 18.24 6.50
N LYS D 168 -20.83 18.15 6.86
CA LYS D 168 -21.38 18.95 7.95
C LYS D 168 -21.99 18.03 9.00
N ILE D 169 -21.70 18.34 10.25
CA ILE D 169 -22.14 17.56 11.40
C ILE D 169 -23.52 18.06 11.82
N PRO D 170 -24.54 17.21 11.89
CA PRO D 170 -25.85 17.68 12.32
C PRO D 170 -26.01 17.78 13.84
N GLY D 171 -26.31 19.00 14.28
CA GLY D 171 -26.15 19.36 15.67
C GLY D 171 -24.79 19.97 15.96
N SER D 172 -24.12 19.51 17.01
CA SER D 172 -22.76 19.96 17.31
C SER D 172 -21.88 18.83 17.80
N ASN D 173 -22.39 17.61 17.86
CA ASN D 173 -21.64 16.47 18.38
C ASN D 173 -22.13 15.18 17.77
N LEU D 174 -21.28 14.16 17.80
CA LEU D 174 -21.61 12.80 17.41
C LEU D 174 -21.24 11.84 18.52
N PRO D 175 -21.83 10.66 18.57
CA PRO D 175 -21.45 9.67 19.58
C PRO D 175 -19.97 9.32 19.46
N VAL D 176 -19.34 9.09 20.62
CA VAL D 176 -17.91 8.80 20.65
C VAL D 176 -17.60 7.48 19.98
N ASP D 177 -18.58 6.59 19.88
CA ASP D 177 -18.43 5.31 19.19
C ASP D 177 -19.15 5.28 17.84
N PHE D 178 -19.41 6.46 17.26
CA PHE D 178 -20.12 6.51 15.99
C PHE D 178 -19.34 5.84 14.86
N LEU D 179 -18.00 5.96 14.91
CA LEU D 179 -17.17 5.37 13.86
C LEU D 179 -17.32 3.86 13.80
N HIS D 180 -17.71 3.21 14.90
CA HIS D 180 -17.90 1.76 14.89
C HIS D 180 -19.05 1.35 13.98
N HIS D 181 -20.16 2.09 14.02
CA HIS D 181 -21.35 1.73 13.28
C HIS D 181 -21.48 2.49 11.95
N TRP D 182 -20.47 3.28 11.58
CA TRP D 182 -20.49 3.94 10.29
C TRP D 182 -20.26 2.92 9.19
N ASP D 183 -21.08 3.00 8.14
CA ASP D 183 -21.00 2.08 7.01
C ASP D 183 -20.45 2.79 5.77
N LEU D 184 -19.58 3.77 5.99
CA LEU D 184 -18.96 4.50 4.89
C LEU D 184 -17.45 4.34 4.98
N LYS D 185 -16.90 3.57 4.05
CA LYS D 185 -15.45 3.49 3.88
C LYS D 185 -15.10 4.09 2.52
N ILE D 186 -14.14 5.02 2.51
CA ILE D 186 -13.90 5.85 1.33
C ILE D 186 -13.07 5.16 0.26
N GLU D 187 -12.56 3.96 0.53
CA GLU D 187 -11.77 3.25 -0.47
C GLU D 187 -12.59 2.85 -1.69
N ASP D 188 -13.90 2.68 -1.53
CA ASP D 188 -14.76 2.27 -2.63
C ASP D 188 -15.17 3.43 -3.52
N PHE D 189 -14.88 4.67 -3.11
CA PHE D 189 -15.28 5.85 -3.87
C PHE D 189 -14.10 6.56 -4.53
N ILE D 190 -12.95 5.88 -4.63
CA ILE D 190 -11.76 6.45 -5.26
C ILE D 190 -11.61 5.82 -6.64
N ALA D 191 -11.51 6.67 -7.65
CA ALA D 191 -11.35 6.19 -9.01
C ALA D 191 -9.95 5.61 -9.23
N THR D 192 -9.88 4.52 -9.98
CA THR D 192 -8.60 3.90 -10.31
C THR D 192 -8.10 4.31 -11.69
N SER D 193 -8.99 4.76 -12.57
CA SER D 193 -8.62 5.20 -13.91
C SER D 193 -9.26 6.55 -14.18
N PRO D 194 -8.61 7.40 -14.99
CA PRO D 194 -9.21 8.71 -15.29
C PRO D 194 -10.56 8.60 -15.99
N ASN D 195 -10.75 7.61 -16.85
CA ASN D 195 -12.03 7.45 -17.54
C ASN D 195 -13.12 6.92 -16.63
N GLU D 196 -12.76 6.14 -15.61
CA GLU D 196 -13.75 5.61 -14.68
C GLU D 196 -14.35 6.74 -13.86
N GLN D 197 -15.67 6.75 -13.77
CA GLN D 197 -16.38 7.79 -13.02
C GLN D 197 -16.56 7.33 -11.57
N LYS D 198 -16.22 8.20 -10.64
CA LYS D 198 -16.26 7.92 -9.21
C LYS D 198 -16.43 9.23 -8.47
N PRO D 199 -16.90 9.19 -7.22
CA PRO D 199 -17.01 10.44 -6.44
C PRO D 199 -15.68 11.16 -6.29
N VAL D 200 -14.58 10.44 -6.17
CA VAL D 200 -13.25 11.03 -6.03
C VAL D 200 -12.48 10.77 -7.32
N LYS D 201 -12.04 11.85 -7.96
CA LYS D 201 -11.30 11.73 -9.21
C LYS D 201 -9.93 11.09 -8.97
N PHE D 202 -9.49 10.31 -9.96
CA PHE D 202 -8.21 9.62 -9.84
C PHE D 202 -7.06 10.61 -9.94
N ASP D 203 -6.12 10.51 -8.99
CA ASP D 203 -4.89 11.29 -8.93
C ASP D 203 -5.14 12.78 -8.66
N VAL D 204 -6.40 13.21 -8.56
CA VAL D 204 -6.70 14.60 -8.26
C VAL D 204 -6.59 14.81 -6.75
N PRO D 205 -5.88 15.85 -6.29
CA PRO D 205 -5.77 16.06 -4.84
C PRO D 205 -7.13 16.24 -4.19
N VAL D 206 -7.30 15.65 -3.01
CA VAL D 206 -8.57 15.65 -2.30
C VAL D 206 -8.42 16.48 -1.03
N ALA D 207 -9.40 17.33 -0.76
CA ALA D 207 -9.39 18.21 0.39
C ALA D 207 -10.62 17.94 1.26
N LEU D 208 -10.44 18.05 2.57
CA LEU D 208 -11.52 17.88 3.53
C LEU D 208 -11.89 19.24 4.11
N TYR D 209 -13.17 19.57 4.08
CA TYR D 209 -13.65 20.87 4.50
C TYR D 209 -14.80 20.71 5.49
N GLY D 210 -14.87 21.61 6.46
CA GLY D 210 -15.92 21.59 7.46
C GLY D 210 -15.39 21.26 8.84
N PRO D 211 -16.01 21.84 9.86
CA PRO D 211 -15.58 21.55 11.24
C PRO D 211 -15.87 20.12 11.63
N GLY D 212 -15.03 19.58 12.49
CA GLY D 212 -15.19 18.22 12.97
C GLY D 212 -14.10 17.80 13.93
N PRO D 213 -14.30 16.66 14.59
CA PRO D 213 -13.29 16.17 15.54
C PRO D 213 -12.04 15.69 14.82
N ASN D 214 -10.96 15.59 15.58
CA ASN D 214 -9.67 15.20 15.02
C ASN D 214 -9.70 13.77 14.50
N TRP D 215 -10.37 12.86 15.23
CA TRP D 215 -10.41 11.47 14.79
C TRP D 215 -11.20 11.30 13.51
N LEU D 216 -12.25 12.10 13.31
CA LEU D 216 -12.99 12.06 12.06
C LEU D 216 -12.11 12.48 10.89
N TYR D 217 -11.29 13.52 11.08
CA TYR D 217 -10.37 13.93 10.04
C TYR D 217 -9.33 12.85 9.76
N ALA D 218 -8.80 12.22 10.81
CA ALA D 218 -7.82 11.16 10.63
C ALA D 218 -8.45 9.94 9.98
N PHE D 219 -9.70 9.63 10.33
CA PHE D 219 -10.37 8.46 9.75
C PHE D 219 -10.57 8.62 8.26
N LEU D 220 -10.90 9.83 7.80
CA LEU D 220 -11.12 10.06 6.37
C LEU D 220 -9.81 10.23 5.61
N THR D 221 -8.80 10.81 6.25
CA THR D 221 -7.53 11.05 5.57
C THR D 221 -6.74 9.77 5.36
N LEU D 222 -6.77 8.86 6.33
CA LEU D 222 -5.89 7.68 6.30
C LEU D 222 -6.08 6.81 5.07
N PRO D 223 -7.30 6.45 4.64
CA PRO D 223 -7.43 5.58 3.46
C PRO D 223 -6.96 6.19 2.15
N PHE D 224 -6.52 7.45 2.15
CA PHE D 224 -6.08 8.11 0.94
C PHE D 224 -4.58 7.97 0.68
N LYS D 225 -3.87 7.22 1.52
CA LYS D 225 -2.44 7.03 1.29
C LYS D 225 -2.21 6.25 0.00
N ASN D 226 -1.24 6.73 -0.80
CA ASN D 226 -0.90 6.17 -2.11
C ASN D 226 -2.06 6.20 -3.08
N ARG D 227 -3.10 6.99 -2.81
CA ARG D 227 -4.24 7.13 -3.70
C ARG D 227 -4.41 8.54 -4.23
N ASN D 228 -4.48 9.54 -3.34
CA ASN D 228 -4.62 10.93 -3.75
C ASN D 228 -3.89 11.81 -2.75
N THR D 229 -3.53 13.01 -3.21
CA THR D 229 -2.94 14.00 -2.32
C THR D 229 -4.00 14.57 -1.40
N VAL D 230 -3.70 14.60 -0.10
CA VAL D 230 -4.66 14.97 0.93
C VAL D 230 -4.42 16.41 1.33
N PHE D 231 -5.50 17.20 1.37
CA PHE D 231 -5.47 18.57 1.85
C PHE D 231 -6.43 18.71 3.03
N VAL D 232 -6.02 19.47 4.04
CA VAL D 232 -6.81 19.66 5.26
C VAL D 232 -7.02 21.16 5.46
N PHE D 233 -8.25 21.53 5.77
CA PHE D 233 -8.61 22.93 5.98
C PHE D 233 -8.51 23.27 7.47
N ASN D 234 -7.78 24.32 7.80
CA ASN D 234 -7.65 24.81 9.16
C ASN D 234 -8.37 26.15 9.28
N SER D 235 -9.32 26.24 10.21
CA SER D 235 -10.11 27.44 10.37
C SER D 235 -9.43 28.52 11.19
N ARG D 236 -8.25 28.25 11.75
CA ARG D 236 -7.54 29.27 12.52
C ARG D 236 -7.15 30.44 11.63
N THR D 237 -6.69 30.16 10.42
CA THR D 237 -6.32 31.18 9.45
C THR D 237 -7.03 31.03 8.11
N SER D 238 -7.75 29.92 7.90
CA SER D 238 -8.57 29.69 6.72
C SER D 238 -7.75 29.57 5.44
N GLU D 239 -6.79 28.65 5.42
CA GLU D 239 -6.23 28.13 4.18
C GLU D 239 -6.10 26.61 4.31
N TYR D 240 -6.11 25.94 3.15
CA TYR D 240 -5.95 24.50 3.11
C TYR D 240 -4.50 24.12 3.40
N ILE D 241 -4.32 23.00 4.09
CA ILE D 241 -3.00 22.51 4.50
C ILE D 241 -2.73 21.19 3.80
N CYS D 242 -1.57 21.10 3.15
CA CYS D 242 -1.16 19.87 2.47
C CYS D 242 -0.46 18.95 3.46
N VAL D 243 -0.94 17.71 3.54
CA VAL D 243 -0.38 16.73 4.46
C VAL D 243 0.22 15.52 3.75
N TYR D 244 -0.09 15.33 2.47
CA TYR D 244 0.42 14.21 1.69
C TYR D 244 0.98 14.72 0.37
N SER D 245 2.07 14.11 -0.08
CA SER D 245 2.73 14.48 -1.33
C SER D 245 2.75 13.25 -2.25
N LYS D 246 1.71 13.11 -3.06
CA LYS D 246 1.67 12.07 -4.07
C LYS D 246 1.79 12.61 -5.49
N SER D 247 1.52 13.88 -5.70
CA SER D 247 1.68 14.52 -6.99
C SER D 247 2.96 15.34 -7.02
N ALA D 248 3.61 15.39 -8.18
CA ALA D 248 4.86 16.12 -8.31
C ALA D 248 4.63 17.62 -8.17
N GLY D 249 5.59 18.30 -7.56
CA GLY D 249 5.53 19.73 -7.39
C GLY D 249 4.75 20.22 -6.19
N LEU D 250 4.16 19.32 -5.41
CA LEU D 250 3.37 19.69 -4.25
C LEU D 250 3.98 19.05 -3.01
N ALA D 251 4.40 19.88 -2.06
CA ALA D 251 5.03 19.38 -0.85
C ALA D 251 4.05 19.47 0.32
N PRO D 252 4.18 18.58 1.31
CA PRO D 252 3.28 18.61 2.46
C PRO D 252 3.58 19.79 3.37
N GLY D 253 2.68 20.77 3.37
CA GLY D 253 2.84 21.94 4.21
C GLY D 253 2.51 23.25 3.52
N MET D 254 2.26 23.21 2.22
CA MET D 254 1.91 24.43 1.49
C MET D 254 0.49 24.87 1.85
N VAL D 255 0.21 26.15 1.62
CA VAL D 255 -1.07 26.74 1.95
C VAL D 255 -1.72 27.26 0.68
N LEU D 256 -3.05 27.17 0.61
CA LEU D 256 -3.82 27.64 -0.53
C LEU D 256 -4.71 28.79 -0.06
N LYS D 257 -4.34 30.01 -0.46
CA LYS D 257 -5.09 31.20 -0.06
C LYS D 257 -6.46 31.18 -0.75
N GLY D 258 -7.51 31.01 0.05
CA GLY D 258 -8.86 30.97 -0.48
C GLY D 258 -9.51 32.34 -0.53
N PRO E 2 25.20 -5.99 -5.94
CA PRO E 2 26.31 -5.07 -5.64
C PRO E 2 27.61 -5.82 -5.39
N GLN E 3 28.43 -5.89 -6.44
CA GLN E 3 29.61 -6.74 -6.50
C GLN E 3 30.63 -6.30 -5.46
N ALA E 4 31.52 -7.21 -5.08
CA ALA E 4 32.56 -6.95 -4.11
C ALA E 4 33.84 -7.66 -4.51
N PHE E 5 34.95 -6.93 -4.51
CA PHE E 5 36.26 -7.48 -4.82
C PHE E 5 37.11 -7.42 -3.56
N PHE E 6 37.75 -8.54 -3.23
CA PHE E 6 38.49 -8.67 -1.97
C PHE E 6 39.98 -8.66 -2.30
N SER E 7 40.70 -7.73 -1.70
CA SER E 7 42.17 -7.68 -1.80
C SER E 7 42.74 -7.98 -0.42
N HIS E 8 43.54 -9.04 -0.34
CA HIS E 8 44.00 -9.53 0.95
C HIS E 8 45.25 -10.38 0.77
N ASN E 9 45.86 -10.74 1.90
CA ASN E 9 46.99 -11.65 1.93
C ASN E 9 46.57 -12.98 2.55
N ASN E 10 47.29 -14.05 2.20
CA ASN E 10 46.97 -15.38 2.69
C ASN E 10 47.17 -15.52 4.20
N LYS E 11 47.90 -14.60 4.84
CA LYS E 11 47.95 -14.60 6.29
C LYS E 11 46.59 -14.25 6.88
N ASP E 12 45.80 -13.46 6.15
CA ASP E 12 44.43 -13.13 6.52
C ASP E 12 43.41 -13.96 5.75
N LYS E 13 43.86 -15.00 5.03
CA LYS E 13 42.95 -15.86 4.28
C LYS E 13 41.85 -16.44 5.16
N LYS E 14 42.18 -16.75 6.42
CA LYS E 14 41.23 -17.43 7.30
C LYS E 14 39.99 -16.55 7.52
N ILE E 15 40.20 -15.25 7.76
CA ILE E 15 39.08 -14.36 8.02
C ILE E 15 38.34 -13.96 6.74
N VAL E 16 38.94 -14.16 5.56
CA VAL E 16 38.44 -13.50 4.36
C VAL E 16 37.21 -14.20 3.82
N LEU E 17 37.31 -15.52 3.57
CA LEU E 17 36.15 -16.26 3.08
C LEU E 17 35.00 -16.22 4.07
N GLU E 18 35.27 -16.47 5.35
CA GLU E 18 34.23 -16.42 6.36
C GLU E 18 33.59 -15.04 6.46
N VAL E 19 34.37 -13.97 6.31
CA VAL E 19 33.76 -12.65 6.12
C VAL E 19 32.93 -12.64 4.85
N LEU E 20 33.48 -13.17 3.76
CA LEU E 20 32.77 -13.20 2.48
C LEU E 20 31.52 -14.07 2.57
N GLU E 21 31.62 -15.20 3.28
CA GLU E 21 30.47 -16.11 3.40
C GLU E 21 29.28 -15.39 4.01
N HIS E 22 29.52 -14.58 5.04
CA HIS E 22 28.46 -13.74 5.60
C HIS E 22 27.95 -12.74 4.56
N LEU E 23 28.86 -12.15 3.79
CA LEU E 23 28.45 -11.18 2.77
C LEU E 23 27.69 -11.85 1.64
N ARG E 24 28.03 -13.10 1.30
CA ARG E 24 27.34 -13.81 0.23
C ARG E 24 25.88 -14.03 0.59
N GLN E 25 25.59 -14.37 1.85
CA GLN E 25 24.21 -14.57 2.28
C GLN E 25 23.40 -13.28 2.21
N SER E 26 24.06 -12.13 2.10
CA SER E 26 23.37 -10.85 2.01
C SER E 26 23.04 -10.47 0.57
N LEU E 27 22.93 -11.45 -0.33
CA LEU E 27 22.63 -11.22 -1.75
C LEU E 27 23.63 -10.26 -2.39
N VAL E 28 24.90 -10.41 -2.03
CA VAL E 28 25.96 -9.55 -2.54
C VAL E 28 26.85 -10.41 -3.43
N ALA E 29 27.16 -9.90 -4.63
CA ALA E 29 28.11 -10.58 -5.49
C ALA E 29 29.51 -10.43 -4.92
N THR E 30 30.21 -11.55 -4.75
CA THR E 30 31.53 -11.58 -4.14
C THR E 30 32.52 -12.28 -5.06
N TRP E 31 33.67 -11.64 -5.28
CA TRP E 31 34.66 -12.11 -6.25
C TRP E 31 36.04 -12.03 -5.60
N ILE E 32 36.73 -13.16 -5.50
CA ILE E 32 38.08 -13.20 -4.91
C ILE E 32 39.12 -13.72 -5.90
N ASP E 33 38.99 -14.97 -6.33
CA ASP E 33 39.86 -15.57 -7.34
C ASP E 33 39.02 -16.19 -8.44
N SER E 42 41.86 -10.84 -12.58
CA SER E 42 42.45 -9.85 -11.67
C SER E 42 41.33 -9.02 -11.03
N LEU E 43 41.70 -7.89 -10.44
CA LEU E 43 40.72 -7.01 -9.82
C LEU E 43 40.83 -5.60 -10.36
N ILE E 44 41.90 -5.33 -11.11
CA ILE E 44 42.13 -3.97 -11.60
C ILE E 44 41.31 -3.70 -12.86
N GLN E 45 41.55 -4.46 -13.92
CA GLN E 45 40.79 -4.27 -15.14
C GLN E 45 39.38 -4.84 -15.05
N GLN E 46 39.10 -5.64 -14.01
CA GLN E 46 37.74 -6.11 -13.78
C GLN E 46 36.86 -5.05 -13.15
N ILE E 47 37.44 -3.91 -12.74
CA ILE E 47 36.64 -2.79 -12.27
C ILE E 47 35.77 -2.26 -13.40
N ILE E 48 36.32 -2.19 -14.60
CA ILE E 48 35.58 -1.66 -15.77
C ILE E 48 34.72 -2.79 -16.27
N ALA E 49 33.54 -2.92 -15.68
CA ALA E 49 32.56 -3.92 -16.08
C ALA E 49 31.19 -3.58 -15.51
N GLY E 50 30.19 -3.46 -16.37
CA GLY E 50 28.83 -3.21 -15.91
C GLY E 50 28.50 -1.73 -15.91
N ILE E 51 27.95 -1.24 -14.81
CA ILE E 51 27.48 0.13 -14.67
C ILE E 51 28.45 0.89 -13.78
N SER E 52 28.25 2.21 -13.71
CA SER E 52 29.08 3.06 -12.86
C SER E 52 29.11 2.58 -11.41
N LYS E 53 27.98 2.08 -10.90
CA LYS E 53 27.98 1.37 -9.62
C LYS E 53 28.56 -0.03 -9.83
N SER E 54 29.90 -0.07 -9.81
CA SER E 54 30.62 -1.31 -10.09
C SER E 54 30.67 -2.22 -8.87
N GLN E 55 31.31 -1.76 -7.80
CA GLN E 55 31.63 -2.60 -6.65
C GLN E 55 32.25 -1.70 -5.57
N TYR E 56 32.49 -2.27 -4.39
CA TYR E 56 33.21 -1.59 -3.32
C TYR E 56 34.47 -2.38 -2.98
N PHE E 57 35.63 -1.77 -3.21
CA PHE E 57 36.90 -2.44 -2.94
C PHE E 57 37.08 -2.65 -1.44
N LEU E 58 37.30 -3.90 -1.04
CA LEU E 58 37.54 -4.24 0.36
C LEU E 58 39.05 -4.40 0.54
N ALA E 59 39.68 -3.37 1.10
CA ALA E 59 41.12 -3.39 1.39
C ALA E 59 41.32 -4.02 2.76
N PHE E 60 41.67 -5.32 2.77
CA PHE E 60 41.88 -6.06 4.02
C PHE E 60 43.23 -5.64 4.60
N LEU E 61 43.26 -4.42 5.13
CA LEU E 61 44.51 -3.87 5.64
C LEU E 61 44.97 -4.60 6.89
N SER E 62 46.23 -5.00 6.90
CA SER E 62 46.84 -5.66 8.04
C SER E 62 48.34 -5.49 7.96
N ASN E 63 49.03 -5.77 9.07
CA ASN E 63 50.46 -5.54 9.14
C ASN E 63 51.21 -6.35 8.10
N GLU E 64 50.84 -7.63 7.93
CA GLU E 64 51.48 -8.45 6.90
C GLU E 64 51.03 -8.03 5.50
N TYR E 65 49.83 -7.48 5.39
CA TYR E 65 49.37 -6.97 4.10
C TYR E 65 50.18 -5.75 3.67
N LEU E 66 50.53 -4.88 4.62
CA LEU E 66 51.30 -3.68 4.34
C LEU E 66 52.74 -3.98 3.94
N LYS E 67 53.24 -5.18 4.22
CA LYS E 67 54.65 -5.49 4.01
C LYS E 67 54.94 -6.05 2.62
N SER E 68 53.94 -6.15 1.75
CA SER E 68 54.12 -6.65 0.39
C SER E 68 53.94 -5.50 -0.58
N ASP E 69 55.04 -5.11 -1.24
CA ASP E 69 54.98 -4.04 -2.23
C ASP E 69 54.12 -4.47 -3.42
N TRP E 70 54.28 -5.72 -3.86
CA TRP E 70 53.52 -6.18 -5.03
C TRP E 70 52.04 -6.35 -4.69
N CYS E 71 51.69 -6.25 -3.40
CA CYS E 71 50.29 -6.08 -3.02
C CYS E 71 49.90 -4.61 -2.96
N TRP E 72 50.88 -3.73 -2.77
CA TRP E 72 50.61 -2.31 -2.63
C TRP E 72 50.11 -1.70 -3.94
N ASP E 73 50.72 -2.07 -5.06
CA ASP E 73 50.36 -1.45 -6.34
C ASP E 73 48.91 -1.74 -6.73
N GLU E 74 48.33 -2.82 -6.21
CA GLU E 74 46.91 -3.07 -6.45
C GLU E 74 46.06 -2.01 -5.76
N LEU E 75 46.52 -1.51 -4.62
CA LEU E 75 45.78 -0.46 -3.93
C LEU E 75 45.91 0.87 -4.64
N GLU E 76 47.03 1.09 -5.32
CA GLU E 76 47.22 2.33 -6.08
C GLU E 76 46.19 2.46 -7.20
N GLN E 77 46.19 1.48 -8.12
CA GLN E 77 45.28 1.55 -9.27
C GLN E 77 43.82 1.50 -8.84
N ALA E 78 43.53 0.80 -7.73
CA ALA E 78 42.18 0.84 -7.18
C ALA E 78 41.83 2.23 -6.68
N TYR E 79 42.77 2.90 -6.00
CA TYR E 79 42.52 4.24 -5.48
C TYR E 79 42.69 5.29 -6.57
N ALA E 80 43.61 5.08 -7.50
CA ALA E 80 43.86 6.07 -8.54
C ALA E 80 42.63 6.28 -9.41
N LEU E 81 41.96 5.20 -9.80
CA LEU E 81 40.73 5.31 -10.57
C LEU E 81 39.52 5.56 -9.68
N HIS E 82 39.66 5.41 -8.36
CA HIS E 82 38.57 5.73 -7.44
C HIS E 82 38.25 7.22 -7.47
N GLN E 83 39.24 8.06 -7.72
CA GLN E 83 38.97 9.50 -7.84
C GLN E 83 38.08 9.80 -9.03
N LYS E 84 38.07 8.93 -10.03
CA LYS E 84 37.15 9.06 -11.15
C LYS E 84 35.71 8.74 -10.78
N GLY E 85 35.48 8.21 -9.58
CA GLY E 85 34.14 7.87 -9.14
C GLY E 85 33.62 6.53 -9.60
N LYS E 86 34.44 5.74 -10.29
CA LYS E 86 33.98 4.46 -10.80
C LYS E 86 33.81 3.44 -9.68
N VAL E 87 34.78 3.37 -8.76
CA VAL E 87 34.73 2.43 -7.65
C VAL E 87 35.09 3.18 -6.37
N LYS E 88 34.52 2.73 -5.26
CA LYS E 88 34.86 3.23 -3.94
C LYS E 88 35.46 2.10 -3.12
N ILE E 89 36.40 2.44 -2.25
CA ILE E 89 37.16 1.47 -1.48
C ILE E 89 36.68 1.50 -0.04
N ILE E 90 36.55 0.32 0.56
CA ILE E 90 36.32 0.21 2.00
C ILE E 90 37.50 -0.51 2.63
N PRO E 91 38.39 0.19 3.34
CA PRO E 91 39.54 -0.46 3.97
C PRO E 91 39.13 -1.15 5.26
N ILE E 92 39.47 -2.43 5.36
CA ILE E 92 39.13 -3.25 6.52
C ILE E 92 40.39 -3.44 7.35
N LEU E 93 40.35 -2.99 8.60
CA LEU E 93 41.51 -3.08 9.49
C LEU E 93 41.40 -4.34 10.32
N LEU E 94 42.22 -5.35 9.98
CA LEU E 94 42.29 -6.54 10.81
C LEU E 94 42.87 -6.22 12.19
N THR E 95 43.89 -5.38 12.23
CA THR E 95 44.43 -4.83 13.47
C THR E 95 44.03 -3.36 13.59
N ASN E 96 43.97 -2.89 14.84
CA ASN E 96 43.55 -1.52 15.08
C ASN E 96 44.56 -0.53 14.51
N ARG E 97 44.10 0.72 14.35
CA ARG E 97 44.94 1.76 13.76
C ARG E 97 46.16 2.06 14.64
N ALA E 98 46.05 1.80 15.94
CA ALA E 98 47.13 2.17 16.86
C ALA E 98 48.41 1.41 16.56
N GLN E 99 48.33 0.11 16.31
CA GLN E 99 49.51 -0.72 16.13
C GLN E 99 49.78 -1.07 14.66
N LEU E 100 49.26 -0.29 13.72
CA LEU E 100 49.60 -0.49 12.32
C LEU E 100 51.05 -0.09 12.09
N ASP E 101 51.82 -0.99 11.47
CA ASP E 101 53.26 -0.79 11.30
C ASP E 101 53.48 0.19 10.13
N LEU E 102 53.33 1.47 10.44
CA LEU E 102 53.57 2.51 9.45
C LEU E 102 55.04 2.84 9.29
N ASN E 103 55.88 2.49 10.28
CA ASN E 103 57.30 2.85 10.22
C ASN E 103 58.02 2.13 9.08
N ALA E 104 57.69 0.86 8.86
CA ALA E 104 58.35 0.11 7.79
C ALA E 104 58.02 0.68 6.42
N LEU E 105 56.85 1.30 6.29
CA LEU E 105 56.46 1.91 5.02
C LEU E 105 57.35 3.12 4.72
N THR E 106 57.62 3.32 3.43
CA THR E 106 58.41 4.45 3.00
C THR E 106 57.62 5.75 3.18
N ASP E 107 58.27 6.87 2.88
CA ASP E 107 57.61 8.17 3.01
C ASP E 107 56.43 8.28 2.07
N ALA E 108 56.58 7.84 0.82
CA ALA E 108 55.48 7.87 -0.13
C ALA E 108 54.36 6.91 0.29
N ARG E 109 54.73 5.71 0.76
CA ARG E 109 53.71 4.74 1.17
C ARG E 109 52.95 5.22 2.39
N ARG E 110 53.65 5.79 3.38
CA ARG E 110 52.97 6.27 4.59
C ARG E 110 52.08 7.46 4.29
N ASN E 111 52.55 8.38 3.44
CA ASN E 111 51.74 9.54 3.08
C ASN E 111 50.49 9.11 2.30
N PHE E 112 50.64 8.12 1.42
CA PHE E 112 49.49 7.63 0.67
C PHE E 112 48.47 6.95 1.60
N LEU E 113 48.95 6.08 2.49
CA LEU E 113 48.03 5.37 3.38
C LEU E 113 47.33 6.32 4.35
N GLU E 114 48.07 7.29 4.90
CA GLU E 114 47.47 8.20 5.87
C GLU E 114 46.38 9.06 5.23
N SER E 115 46.59 9.46 3.97
CA SER E 115 45.60 10.28 3.28
C SER E 115 44.28 9.52 3.09
N ILE E 116 44.36 8.25 2.71
CA ILE E 116 43.15 7.49 2.44
C ILE E 116 42.47 6.97 3.71
N LEU E 117 43.18 6.93 4.84
CA LEU E 117 42.56 6.46 6.07
C LEU E 117 41.80 7.57 6.78
N THR E 118 42.21 8.82 6.57
CA THR E 118 41.54 9.95 7.20
C THR E 118 40.39 10.47 6.36
N ARG E 119 40.65 10.85 5.10
CA ARG E 119 39.59 11.36 4.24
C ARG E 119 38.57 10.30 3.88
N LEU E 120 39.01 9.09 3.56
CA LEU E 120 38.12 7.99 3.20
C LEU E 120 37.90 7.12 4.43
N LYS E 121 36.69 6.60 4.56
CA LYS E 121 36.28 5.97 5.82
C LYS E 121 36.62 4.48 5.83
N TYR E 122 37.13 4.02 6.96
CA TYR E 122 37.53 2.64 7.16
C TYR E 122 36.60 1.95 8.14
N VAL E 123 36.75 0.64 8.26
CA VAL E 123 35.97 -0.19 9.18
C VAL E 123 36.94 -1.06 9.97
N GLU E 124 36.79 -1.06 11.29
CA GLU E 124 37.65 -1.85 12.17
C GLU E 124 37.04 -3.24 12.35
N PHE E 125 37.90 -4.26 12.31
CA PHE E 125 37.49 -5.65 12.43
C PHE E 125 38.36 -6.36 13.44
N ASP E 126 37.75 -7.21 14.27
CA ASP E 126 38.49 -8.08 15.17
C ASP E 126 37.86 -9.47 15.27
N PRO E 127 38.67 -10.51 15.49
CA PRO E 127 38.09 -11.86 15.65
C PRO E 127 37.18 -11.99 16.86
N HIS E 128 37.46 -11.25 17.94
CA HIS E 128 36.76 -11.47 19.20
C HIS E 128 35.27 -11.11 19.09
N ASN E 129 34.97 -9.85 18.79
CA ASN E 129 33.59 -9.41 18.64
C ASN E 129 33.16 -9.61 17.18
N MET E 130 32.98 -10.88 16.83
CA MET E 130 32.74 -11.24 15.43
C MET E 130 31.38 -10.74 14.95
N THR E 131 30.33 -10.93 15.75
CA THR E 131 28.99 -10.59 15.31
C THR E 131 28.88 -9.09 15.01
N ARG E 132 29.40 -8.25 15.90
CA ARG E 132 29.37 -6.82 15.66
C ARG E 132 30.29 -6.42 14.51
N SER E 133 31.46 -7.08 14.40
CA SER E 133 32.38 -6.76 13.31
C SER E 133 31.78 -7.10 11.96
N LEU E 134 31.11 -8.25 11.86
CA LEU E 134 30.46 -8.61 10.60
C LEU E 134 29.35 -7.64 10.25
N GLY E 135 28.57 -7.21 11.24
CA GLY E 135 27.51 -6.26 10.97
C GLY E 135 28.04 -4.92 10.49
N SER E 136 29.13 -4.44 11.10
CA SER E 136 29.73 -3.18 10.66
C SER E 136 30.30 -3.31 9.24
N VAL E 137 30.90 -4.46 8.94
CA VAL E 137 31.46 -4.67 7.60
C VAL E 137 30.34 -4.75 6.57
N ALA E 138 29.30 -5.52 6.85
CA ALA E 138 28.21 -5.68 5.90
C ALA E 138 27.45 -4.37 5.69
N GLU E 139 27.23 -3.62 6.76
CA GLU E 139 26.43 -2.40 6.64
C GLU E 139 27.18 -1.33 5.86
N ALA E 140 28.50 -1.27 6.01
CA ALA E 140 29.29 -0.31 5.24
C ALA E 140 29.16 -0.56 3.75
N LEU E 141 28.95 -1.82 3.37
CA LEU E 141 28.61 -2.15 1.98
C LEU E 141 27.27 -1.53 1.61
N TRP E 142 26.34 -1.48 2.54
CA TRP E 142 25.00 -0.96 2.30
C TRP E 142 24.84 0.51 2.67
N GLN E 143 25.90 1.19 3.10
CA GLN E 143 25.78 2.59 3.47
C GLN E 143 25.39 3.46 2.28
N ASN E 144 26.19 3.40 1.21
CA ASN E 144 26.00 4.24 0.03
C ASN E 144 25.16 3.57 -1.03
N GLU E 145 24.41 2.54 -0.66
CA GLU E 145 23.65 1.72 -1.59
C GLU E 145 22.16 1.92 -1.36
N ALA E 146 21.36 1.46 -2.32
CA ALA E 146 19.90 1.48 -2.24
C ALA E 146 19.42 0.37 -1.30
N VAL E 147 18.15 -0.01 -1.42
CA VAL E 147 17.48 -0.95 -0.53
C VAL E 147 18.41 -2.09 -0.13
N ARG E 148 18.51 -2.33 1.18
CA ARG E 148 19.49 -3.24 1.75
C ARG E 148 19.06 -4.69 1.52
N PHE E 149 19.88 -5.61 2.03
CA PHE E 149 19.58 -7.04 1.95
C PHE E 149 20.27 -7.74 3.12
N GLU E 150 19.49 -8.10 4.13
CA GLU E 150 20.02 -8.81 5.29
C GLU E 150 20.31 -10.26 4.92
N PRO E 151 21.20 -10.90 5.67
CA PRO E 151 21.52 -12.31 5.38
C PRO E 151 20.29 -13.20 5.47
N ILE E 152 20.25 -14.21 4.60
CA ILE E 152 19.12 -15.12 4.53
C ILE E 152 19.07 -15.98 5.79
N ARG E 153 17.90 -16.05 6.41
CA ARG E 153 17.68 -16.84 7.61
C ARG E 153 16.66 -17.92 7.32
N MET E 154 16.99 -19.16 7.68
CA MET E 154 16.09 -20.30 7.50
C MET E 154 15.28 -20.49 8.78
N ILE E 155 13.98 -20.25 8.68
CA ILE E 155 13.08 -20.35 9.83
C ILE E 155 11.97 -21.34 9.49
N LYS E 156 11.49 -22.05 10.52
CA LYS E 156 10.41 -23.01 10.37
C LYS E 156 9.15 -22.43 11.00
N VAL E 157 8.16 -22.14 10.15
CA VAL E 157 6.90 -21.54 10.58
C VAL E 157 5.78 -22.53 10.29
N ASN E 158 4.99 -22.86 11.32
CA ASN E 158 3.88 -23.78 11.20
C ASN E 158 4.33 -25.15 10.67
N GLY E 159 5.53 -25.55 11.06
CA GLY E 159 6.08 -26.82 10.64
C GLY E 159 6.59 -26.87 9.23
N THR E 160 6.70 -25.73 8.55
CA THR E 160 7.16 -25.67 7.17
C THR E 160 8.51 -24.97 7.11
N GLU E 161 9.50 -25.64 6.52
CA GLU E 161 10.82 -25.05 6.35
C GLU E 161 10.76 -23.94 5.31
N LEU E 162 11.46 -22.84 5.58
CA LEU E 162 11.41 -21.66 4.73
C LEU E 162 12.60 -20.77 5.04
N GLN E 163 13.03 -20.03 4.02
CA GLN E 163 14.10 -19.04 4.16
C GLN E 163 13.55 -17.65 3.83
N VAL E 164 13.98 -16.66 4.60
CA VAL E 164 13.46 -15.30 4.48
C VAL E 164 14.52 -14.42 3.82
N VAL E 165 14.12 -13.68 2.80
CA VAL E 165 14.98 -12.71 2.14
C VAL E 165 14.55 -11.34 2.66
N GLU E 166 15.26 -10.85 3.67
CA GLU E 166 14.91 -9.57 4.31
C GLU E 166 15.61 -8.44 3.60
N PHE E 167 14.83 -7.46 3.15
CA PHE E 167 15.36 -6.26 2.49
C PHE E 167 14.71 -5.03 3.11
N LYS E 168 15.53 -4.02 3.39
CA LYS E 168 15.06 -2.77 3.96
C LYS E 168 15.44 -1.61 3.05
N ILE E 169 14.48 -0.71 2.84
CA ILE E 169 14.64 0.43 1.96
C ILE E 169 15.23 1.57 2.78
N PRO E 170 16.35 2.17 2.37
CA PRO E 170 16.91 3.28 3.13
C PRO E 170 16.26 4.62 2.81
N GLY E 171 15.70 5.23 3.86
CA GLY E 171 14.75 6.31 3.72
C GLY E 171 13.32 5.82 3.66
N SER E 172 12.54 6.29 2.70
CA SER E 172 11.18 5.80 2.53
C SER E 172 10.80 5.65 1.06
N ASN E 173 11.73 5.92 0.15
CA ASN E 173 11.44 5.87 -1.28
C ASN E 173 12.71 5.56 -2.06
N LEU E 174 12.52 5.06 -3.28
CA LEU E 174 13.60 4.84 -4.24
C LEU E 174 13.23 5.51 -5.56
N PRO E 175 14.21 5.81 -6.40
CA PRO E 175 13.89 6.38 -7.72
C PRO E 175 13.01 5.43 -8.52
N VAL E 176 12.10 6.03 -9.30
CA VAL E 176 11.15 5.23 -10.07
C VAL E 176 11.86 4.42 -11.15
N ASP E 177 13.05 4.85 -11.56
CA ASP E 177 13.85 4.14 -12.53
C ASP E 177 15.04 3.42 -11.90
N PHE E 178 14.98 3.15 -10.60
CA PHE E 178 16.09 2.50 -9.90
C PHE E 178 16.34 1.09 -10.44
N LEU E 179 15.28 0.39 -10.82
CA LEU E 179 15.42 -0.97 -11.34
C LEU E 179 16.27 -1.02 -12.60
N HIS E 180 16.34 0.08 -13.36
CA HIS E 180 17.16 0.09 -14.57
C HIS E 180 18.64 -0.05 -14.25
N HIS E 181 19.11 0.66 -13.21
CA HIS E 181 20.52 0.69 -12.87
C HIS E 181 20.89 -0.29 -11.76
N TRP E 182 19.95 -1.13 -11.31
CA TRP E 182 20.26 -2.15 -10.32
C TRP E 182 21.09 -3.24 -10.96
N ASP E 183 22.17 -3.65 -10.29
CA ASP E 183 23.08 -4.67 -10.80
C ASP E 183 22.92 -5.96 -10.00
N LEU E 184 21.72 -6.21 -9.50
CA LEU E 184 21.43 -7.43 -8.75
C LEU E 184 20.33 -8.21 -9.47
N LYS E 185 20.72 -9.33 -10.06
CA LYS E 185 19.76 -10.29 -10.59
C LYS E 185 19.87 -11.58 -9.80
N ILE E 186 18.72 -12.07 -9.32
CA ILE E 186 18.73 -13.13 -8.31
C ILE E 186 18.92 -14.52 -8.89
N GLU E 187 18.98 -14.66 -10.22
CA GLU E 187 19.19 -15.97 -10.82
C GLU E 187 20.57 -16.53 -10.51
N ASP E 188 21.56 -15.67 -10.25
CA ASP E 188 22.92 -16.12 -9.96
C ASP E 188 23.09 -16.57 -8.53
N PHE E 189 22.11 -16.33 -7.65
CA PHE E 189 22.22 -16.66 -6.24
C PHE E 189 21.33 -17.83 -5.85
N ILE E 190 20.82 -18.59 -6.82
CA ILE E 190 19.97 -19.75 -6.56
C ILE E 190 20.81 -21.01 -6.75
N ALA E 191 20.82 -21.86 -5.73
CA ALA E 191 21.57 -23.11 -5.81
C ALA E 191 20.90 -24.08 -6.76
N THR E 192 21.71 -24.81 -7.52
CA THR E 192 21.22 -25.84 -8.43
C THR E 192 21.30 -27.24 -7.84
N SER E 193 22.16 -27.45 -6.85
CA SER E 193 22.32 -28.74 -6.19
C SER E 193 22.31 -28.53 -4.69
N PRO E 194 21.81 -29.50 -3.92
CA PRO E 194 21.80 -29.35 -2.45
C PRO E 194 23.17 -29.18 -1.86
N ASN E 195 24.20 -29.84 -2.42
CA ASN E 195 25.55 -29.70 -1.88
C ASN E 195 26.18 -28.37 -2.24
N GLU E 196 25.79 -27.77 -3.36
CA GLU E 196 26.34 -26.47 -3.75
C GLU E 196 25.87 -25.39 -2.79
N GLN E 197 26.81 -24.56 -2.34
CA GLN E 197 26.50 -23.50 -1.38
C GLN E 197 26.16 -22.24 -2.17
N LYS E 198 25.05 -21.61 -1.79
CA LYS E 198 24.54 -20.41 -2.46
C LYS E 198 23.70 -19.64 -1.45
N PRO E 199 23.47 -18.34 -1.71
CA PRO E 199 22.60 -17.57 -0.80
C PRO E 199 21.20 -18.15 -0.68
N VAL E 200 20.65 -18.71 -1.75
CA VAL E 200 19.32 -19.30 -1.75
C VAL E 200 19.49 -20.81 -1.86
N LYS E 201 18.96 -21.54 -0.88
CA LYS E 201 19.05 -22.99 -0.87
C LYS E 201 18.22 -23.59 -2.01
N PHE E 202 18.72 -24.69 -2.56
CA PHE E 202 18.03 -25.35 -3.65
C PHE E 202 16.76 -26.03 -3.16
N ASP E 203 15.65 -25.78 -3.87
CA ASP E 203 14.34 -26.37 -3.63
C ASP E 203 13.71 -25.92 -2.33
N VAL E 204 14.39 -25.13 -1.52
CA VAL E 204 13.83 -24.63 -0.27
C VAL E 204 12.94 -23.43 -0.59
N PRO E 205 11.71 -23.38 -0.07
CA PRO E 205 10.84 -22.24 -0.35
C PRO E 205 11.46 -20.93 0.11
N VAL E 206 11.30 -19.89 -0.71
CA VAL E 206 11.91 -18.60 -0.47
C VAL E 206 10.80 -17.58 -0.18
N ALA E 207 11.01 -16.78 0.85
CA ALA E 207 10.05 -15.77 1.28
C ALA E 207 10.67 -14.39 1.22
N LEU E 208 9.87 -13.40 0.86
CA LEU E 208 10.30 -12.01 0.81
C LEU E 208 9.66 -11.25 1.97
N TYR E 209 10.48 -10.53 2.72
CA TYR E 209 10.03 -9.84 3.92
C TYR E 209 10.50 -8.39 3.88
N GLY E 210 9.66 -7.51 4.42
CA GLY E 210 9.98 -6.10 4.47
C GLY E 210 9.09 -5.27 3.59
N PRO E 211 8.80 -4.05 4.01
CA PRO E 211 7.96 -3.16 3.19
C PRO E 211 8.66 -2.75 1.91
N GLY E 212 7.87 -2.54 0.87
CA GLY E 212 8.40 -2.13 -0.42
C GLY E 212 7.31 -1.96 -1.47
N PRO E 213 7.68 -1.37 -2.60
CA PRO E 213 6.70 -1.18 -3.68
C PRO E 213 6.35 -2.50 -4.35
N ASN E 214 5.21 -2.48 -5.05
CA ASN E 214 4.71 -3.69 -5.68
C ASN E 214 5.63 -4.17 -6.79
N TRP E 215 6.20 -3.26 -7.57
CA TRP E 215 7.09 -3.67 -8.65
C TRP E 215 8.37 -4.29 -8.12
N LEU E 216 8.88 -3.82 -6.98
CA LEU E 216 10.05 -4.45 -6.38
C LEU E 216 9.75 -5.89 -5.97
N TYR E 217 8.57 -6.13 -5.40
CA TYR E 217 8.19 -7.49 -5.05
C TYR E 217 8.04 -8.35 -6.30
N ALA E 218 7.44 -7.81 -7.36
CA ALA E 218 7.29 -8.57 -8.60
C ALA E 218 8.64 -8.82 -9.25
N PHE E 219 9.54 -7.85 -9.19
CA PHE E 219 10.86 -8.01 -9.81
C PHE E 219 11.66 -9.12 -9.14
N LEU E 220 11.55 -9.26 -7.81
CA LEU E 220 12.29 -10.30 -7.11
C LEU E 220 11.59 -11.65 -7.20
N THR E 221 10.26 -11.66 -7.24
CA THR E 221 9.52 -12.92 -7.28
C THR E 221 9.63 -13.61 -8.63
N LEU E 222 9.62 -12.84 -9.72
CA LEU E 222 9.52 -13.42 -11.05
C LEU E 222 10.66 -14.38 -11.39
N PRO E 223 11.94 -14.07 -11.14
CA PRO E 223 13.00 -15.03 -11.52
C PRO E 223 12.98 -16.33 -10.74
N PHE E 224 12.07 -16.51 -9.79
CA PHE E 224 12.01 -17.72 -9.00
C PHE E 224 11.09 -18.79 -9.58
N LYS E 225 10.50 -18.54 -10.75
CA LYS E 225 9.63 -19.53 -11.37
C LYS E 225 10.43 -20.77 -11.74
N ASN E 226 9.87 -21.94 -11.44
CA ASN E 226 10.50 -23.24 -11.66
C ASN E 226 11.81 -23.40 -10.92
N ARG E 227 12.09 -22.55 -9.93
CA ARG E 227 13.31 -22.65 -9.13
C ARG E 227 13.03 -22.91 -7.66
N ASN E 228 12.19 -22.07 -7.03
CA ASN E 228 11.84 -22.26 -5.63
C ASN E 228 10.42 -21.79 -5.40
N THR E 229 9.81 -22.31 -4.34
CA THR E 229 8.48 -21.86 -3.93
C THR E 229 8.58 -20.46 -3.34
N VAL E 230 7.72 -19.56 -3.81
CA VAL E 230 7.77 -18.15 -3.45
C VAL E 230 6.73 -17.87 -2.38
N PHE E 231 7.15 -17.20 -1.31
CA PHE E 231 6.26 -16.74 -0.25
C PHE E 231 6.36 -15.22 -0.13
N VAL E 232 5.22 -14.58 0.08
CA VAL E 232 5.13 -13.13 0.18
C VAL E 232 4.49 -12.76 1.50
N PHE E 233 5.09 -11.78 2.18
CA PHE E 233 4.60 -11.33 3.48
C PHE E 233 3.68 -10.14 3.30
N ASN E 234 2.48 -10.23 3.88
CA ASN E 234 1.51 -9.14 3.85
C ASN E 234 1.37 -8.58 5.25
N SER E 235 1.58 -7.27 5.39
CA SER E 235 1.55 -6.62 6.70
C SER E 235 0.14 -6.27 7.15
N ARG E 236 -0.87 -6.48 6.31
CA ARG E 236 -2.25 -6.19 6.72
C ARG E 236 -2.66 -7.07 7.89
N THR E 237 -2.29 -8.36 7.84
CA THR E 237 -2.59 -9.30 8.92
C THR E 237 -1.34 -10.02 9.43
N SER E 238 -0.20 -9.86 8.77
CA SER E 238 1.09 -10.38 9.21
C SER E 238 1.13 -11.91 9.22
N GLU E 239 0.86 -12.51 8.05
CA GLU E 239 1.27 -13.87 7.76
C GLU E 239 1.82 -13.92 6.34
N TYR E 240 2.68 -14.91 6.10
CA TYR E 240 3.26 -15.11 4.77
C TYR E 240 2.22 -15.71 3.83
N ILE E 241 2.27 -15.30 2.57
CA ILE E 241 1.33 -15.72 1.55
C ILE E 241 2.07 -16.53 0.50
N CYS E 242 1.55 -17.71 0.19
CA CYS E 242 2.13 -18.58 -0.83
C CYS E 242 1.58 -18.19 -2.20
N VAL E 243 2.47 -17.93 -3.15
CA VAL E 243 2.07 -17.54 -4.49
C VAL E 243 2.53 -18.53 -5.55
N TYR E 244 3.46 -19.42 -5.22
CA TYR E 244 3.97 -20.42 -6.17
C TYR E 244 3.94 -21.78 -5.52
N SER E 245 3.63 -22.81 -6.32
CA SER E 245 3.56 -24.19 -5.85
C SER E 245 4.54 -25.02 -6.67
N LYS E 246 5.78 -25.12 -6.18
CA LYS E 246 6.78 -25.98 -6.78
C LYS E 246 7.10 -27.20 -5.92
N SER E 247 6.81 -27.15 -4.62
CA SER E 247 7.02 -28.28 -3.73
C SER E 247 5.68 -28.97 -3.45
N ALA E 248 5.73 -30.28 -3.30
CA ALA E 248 4.52 -31.06 -3.07
C ALA E 248 3.93 -30.74 -1.70
N GLY E 249 2.61 -30.74 -1.63
CA GLY E 249 1.90 -30.48 -0.39
C GLY E 249 1.69 -29.03 -0.04
N LEU E 250 2.18 -28.11 -0.85
CA LEU E 250 2.05 -26.67 -0.59
C LEU E 250 1.29 -26.04 -1.76
N ALA E 251 0.15 -25.44 -1.45
CA ALA E 251 -0.67 -24.81 -2.48
C ALA E 251 -0.54 -23.30 -2.42
N PRO E 252 -0.69 -22.60 -3.56
CA PRO E 252 -0.58 -21.14 -3.54
C PRO E 252 -1.78 -20.49 -2.88
N GLY E 253 -1.57 -19.94 -1.69
CA GLY E 253 -2.64 -19.27 -0.96
C GLY E 253 -2.67 -19.58 0.52
N MET E 254 -1.85 -20.53 0.97
CA MET E 254 -1.81 -20.86 2.38
C MET E 254 -1.13 -19.74 3.17
N VAL E 255 -1.40 -19.71 4.47
CA VAL E 255 -0.87 -18.68 5.37
C VAL E 255 -0.02 -19.35 6.44
N LEU E 256 1.04 -18.66 6.85
CA LEU E 256 1.94 -19.14 7.89
C LEU E 256 1.84 -18.19 9.08
N LYS E 257 1.19 -18.66 10.15
CA LYS E 257 1.01 -17.85 11.35
C LYS E 257 2.37 -17.66 12.02
N GLY E 258 2.85 -16.42 12.01
CA GLY E 258 4.13 -16.10 12.62
C GLY E 258 4.00 -15.70 14.08
N PRO F 2 -12.64 -18.19 -13.65
CA PRO F 2 -14.07 -18.45 -13.43
C PRO F 2 -14.76 -18.94 -14.69
N GLN F 3 -14.91 -20.25 -14.77
CA GLN F 3 -15.33 -20.96 -15.98
C GLN F 3 -16.76 -20.55 -16.35
N ALA F 4 -17.10 -20.73 -17.62
CA ALA F 4 -18.42 -20.41 -18.13
C ALA F 4 -18.85 -21.45 -19.15
N PHE F 5 -20.07 -21.97 -18.98
CA PHE F 5 -20.65 -22.93 -19.91
C PHE F 5 -21.83 -22.28 -20.61
N PHE F 6 -21.87 -22.39 -21.93
CA PHE F 6 -22.86 -21.69 -22.75
C PHE F 6 -23.85 -22.73 -23.26
N SER F 7 -25.13 -22.53 -22.97
CA SER F 7 -26.21 -23.34 -23.50
C SER F 7 -27.06 -22.47 -24.42
N HIS F 8 -27.14 -22.86 -25.69
CA HIS F 8 -27.76 -22.02 -26.70
C HIS F 8 -28.19 -22.86 -27.89
N ASN F 9 -28.93 -22.22 -28.79
CA ASN F 9 -29.31 -22.82 -30.05
C ASN F 9 -28.56 -22.15 -31.21
N ASN F 10 -28.42 -22.89 -32.31
CA ASN F 10 -27.68 -22.37 -33.46
C ASN F 10 -28.38 -21.19 -34.12
N LYS F 11 -29.66 -20.96 -33.85
CA LYS F 11 -30.30 -19.74 -34.32
C LYS F 11 -29.70 -18.52 -33.62
N ASP F 12 -29.21 -18.70 -32.40
CA ASP F 12 -28.50 -17.67 -31.65
C ASP F 12 -26.99 -17.86 -31.70
N LYS F 13 -26.50 -18.76 -32.55
CA LYS F 13 -25.06 -19.00 -32.67
C LYS F 13 -24.31 -17.71 -32.97
N LYS F 14 -24.89 -16.81 -33.76
CA LYS F 14 -24.19 -15.63 -34.21
C LYS F 14 -23.81 -14.75 -33.01
N ILE F 15 -24.73 -14.58 -32.07
CA ILE F 15 -24.45 -13.74 -30.91
C ILE F 15 -23.59 -14.43 -29.86
N VAL F 16 -23.46 -15.76 -29.93
CA VAL F 16 -22.93 -16.50 -28.78
C VAL F 16 -21.41 -16.38 -28.71
N LEU F 17 -20.71 -16.73 -29.80
CA LEU F 17 -19.26 -16.60 -29.79
C LEU F 17 -18.81 -15.16 -29.57
N GLU F 18 -19.41 -14.22 -30.29
CA GLU F 18 -19.06 -12.82 -30.13
C GLU F 18 -19.34 -12.32 -28.71
N VAL F 19 -20.42 -12.79 -28.08
CA VAL F 19 -20.56 -12.56 -26.64
C VAL F 19 -19.43 -13.23 -25.88
N LEU F 20 -19.12 -14.49 -26.23
CA LEU F 20 -18.04 -15.22 -25.57
C LEU F 20 -16.70 -14.56 -25.82
N GLU F 21 -16.47 -14.06 -27.04
CA GLU F 21 -15.20 -13.44 -27.37
C GLU F 21 -14.92 -12.25 -26.45
N HIS F 22 -15.94 -11.45 -26.17
CA HIS F 22 -15.80 -10.39 -25.18
C HIS F 22 -15.51 -10.95 -23.79
N LEU F 23 -16.18 -12.05 -23.43
CA LEU F 23 -15.96 -12.66 -22.12
C LEU F 23 -14.58 -13.29 -22.03
N ARG F 24 -14.06 -13.82 -23.14
CA ARG F 24 -12.73 -14.43 -23.12
C ARG F 24 -11.66 -13.40 -22.80
N GLN F 25 -11.78 -12.18 -23.36
CA GLN F 25 -10.82 -11.13 -23.08
C GLN F 25 -10.84 -10.69 -21.62
N SER F 26 -11.89 -11.05 -20.88
CA SER F 26 -12.00 -10.72 -19.46
C SER F 26 -11.36 -11.77 -18.56
N LEU F 27 -10.40 -12.54 -19.08
CA LEU F 27 -9.72 -13.59 -18.33
C LEU F 27 -10.69 -14.60 -17.73
N VAL F 28 -11.73 -14.94 -18.49
CA VAL F 28 -12.77 -15.87 -18.05
C VAL F 28 -12.62 -17.14 -18.89
N ALA F 29 -12.63 -18.29 -18.22
CA ALA F 29 -12.64 -19.56 -18.93
C ALA F 29 -14.00 -19.77 -19.57
N THR F 30 -14.02 -20.04 -20.87
CA THR F 30 -15.25 -20.19 -21.64
C THR F 30 -15.25 -21.52 -22.38
N TRP F 31 -16.35 -22.27 -22.24
CA TRP F 31 -16.46 -23.63 -22.77
C TRP F 31 -17.80 -23.76 -23.48
N ILE F 32 -17.77 -24.10 -24.77
CA ILE F 32 -19.01 -24.26 -25.54
C ILE F 32 -19.12 -25.67 -26.11
N ASP F 33 -18.21 -26.06 -27.00
CA ASP F 33 -18.13 -27.40 -27.57
C ASP F 33 -16.74 -27.96 -27.41
N GLN F 34 -16.65 -29.11 -26.75
CA GLN F 34 -15.54 -30.05 -26.88
C GLN F 34 -14.19 -29.36 -26.67
N GLN F 35 -13.71 -29.39 -25.42
CA GLN F 35 -12.41 -28.78 -25.18
C GLN F 35 -11.49 -29.70 -24.39
N SER F 36 -10.66 -29.09 -23.56
CA SER F 36 -9.46 -29.68 -22.99
C SER F 36 -9.72 -30.57 -21.78
N ILE F 37 -10.93 -30.60 -21.24
CA ILE F 37 -11.16 -31.47 -20.09
C ILE F 37 -11.15 -32.92 -20.56
N PRO F 38 -10.46 -33.83 -19.86
CA PRO F 38 -10.50 -35.25 -20.23
C PRO F 38 -11.73 -36.00 -19.71
N GLY F 39 -12.77 -35.29 -19.30
CA GLY F 39 -13.98 -35.92 -18.80
C GLY F 39 -14.86 -36.45 -19.92
N GLY F 40 -16.16 -36.47 -19.64
CA GLY F 40 -17.14 -36.97 -20.58
C GLY F 40 -17.78 -35.94 -21.49
N GLY F 41 -17.25 -34.72 -21.55
CA GLY F 41 -17.82 -33.71 -22.41
C GLY F 41 -19.11 -33.15 -21.86
N SER F 42 -19.94 -32.64 -22.77
CA SER F 42 -21.26 -32.10 -22.45
C SER F 42 -21.12 -30.95 -21.47
N LEU F 43 -22.22 -30.55 -20.83
CA LEU F 43 -22.18 -29.46 -19.86
C LEU F 43 -22.78 -29.91 -18.53
N ILE F 44 -23.42 -31.08 -18.52
CA ILE F 44 -24.10 -31.54 -17.31
C ILE F 44 -23.11 -32.18 -16.35
N GLN F 45 -22.46 -33.27 -16.78
CA GLN F 45 -21.48 -33.92 -15.91
C GLN F 45 -20.17 -33.15 -15.84
N GLN F 46 -19.97 -32.18 -16.72
CA GLN F 46 -18.80 -31.31 -16.64
C GLN F 46 -18.95 -30.25 -15.54
N ILE F 47 -20.13 -30.13 -14.95
CA ILE F 47 -20.30 -29.26 -13.80
C ILE F 47 -19.46 -29.75 -12.63
N ILE F 48 -19.41 -31.06 -12.44
CA ILE F 48 -18.67 -31.66 -11.31
C ILE F 48 -17.21 -31.73 -11.77
N ALA F 49 -16.50 -30.62 -11.55
CA ALA F 49 -15.08 -30.52 -11.87
C ALA F 49 -14.46 -29.32 -11.18
N GLY F 50 -13.42 -29.54 -10.39
CA GLY F 50 -12.72 -28.45 -9.75
C GLY F 50 -13.25 -28.19 -8.34
N ILE F 51 -13.53 -26.94 -8.04
CA ILE F 51 -13.94 -26.51 -6.71
C ILE F 51 -15.43 -26.19 -6.74
N SER F 52 -15.99 -25.94 -5.54
CA SER F 52 -17.40 -25.58 -5.43
C SER F 52 -17.77 -24.38 -6.30
N LYS F 53 -16.87 -23.40 -6.41
CA LYS F 53 -17.02 -22.34 -7.41
C LYS F 53 -16.66 -22.90 -8.79
N SER F 54 -17.64 -23.56 -9.39
CA SER F 54 -17.44 -24.24 -10.66
C SER F 54 -17.51 -23.27 -11.83
N GLN F 55 -18.66 -22.65 -12.03
CA GLN F 55 -18.93 -21.86 -13.24
C GLN F 55 -20.30 -21.21 -13.07
N TYR F 56 -20.68 -20.35 -14.01
CA TYR F 56 -22.01 -19.76 -14.06
C TYR F 56 -22.68 -20.14 -15.37
N PHE F 57 -23.77 -20.90 -15.27
CA PHE F 57 -24.50 -21.35 -16.46
C PHE F 57 -25.14 -20.17 -17.17
N LEU F 58 -24.81 -20.00 -18.45
CA LEU F 58 -25.40 -18.95 -19.27
C LEU F 58 -26.53 -19.56 -20.10
N ALA F 59 -27.76 -19.33 -19.66
CA ALA F 59 -28.95 -19.82 -20.37
C ALA F 59 -29.33 -18.79 -21.41
N PHE F 60 -28.93 -19.03 -22.66
CA PHE F 60 -29.22 -18.11 -23.77
C PHE F 60 -30.69 -18.26 -24.17
N LEU F 61 -31.56 -17.76 -23.30
CA LEU F 61 -32.99 -17.92 -23.51
C LEU F 61 -33.47 -17.12 -24.70
N SER F 62 -34.22 -17.78 -25.58
CA SER F 62 -34.80 -17.15 -26.76
C SER F 62 -35.99 -17.98 -27.21
N ASN F 63 -36.81 -17.38 -28.08
CA ASN F 63 -38.04 -18.05 -28.50
C ASN F 63 -37.75 -19.37 -29.20
N GLU F 64 -36.75 -19.39 -30.08
CA GLU F 64 -36.38 -20.64 -30.74
C GLU F 64 -35.69 -21.59 -29.77
N TYR F 65 -35.02 -21.05 -28.74
CA TYR F 65 -34.41 -21.90 -27.72
C TYR F 65 -35.48 -22.61 -26.89
N LEU F 66 -36.57 -21.91 -26.59
CA LEU F 66 -37.66 -22.48 -25.81
C LEU F 66 -38.43 -23.57 -26.54
N LYS F 67 -38.30 -23.65 -27.86
CA LYS F 67 -39.11 -24.57 -28.66
C LYS F 67 -38.46 -25.94 -28.83
N SER F 68 -37.31 -26.19 -28.22
CA SER F 68 -36.63 -27.47 -28.32
C SER F 68 -36.70 -28.15 -26.96
N ASP F 69 -37.44 -29.25 -26.89
CA ASP F 69 -37.56 -30.01 -25.65
C ASP F 69 -36.20 -30.62 -25.29
N TRP F 70 -35.48 -31.15 -26.28
CA TRP F 70 -34.21 -31.81 -26.01
C TRP F 70 -33.14 -30.77 -25.63
N CYS F 71 -33.46 -29.48 -25.79
CA CYS F 71 -32.64 -28.43 -25.18
C CYS F 71 -33.14 -28.10 -23.78
N TRP F 72 -34.42 -28.38 -23.50
CA TRP F 72 -34.99 -28.04 -22.20
C TRP F 72 -34.40 -28.87 -21.07
N ASP F 73 -34.21 -30.17 -21.30
CA ASP F 73 -33.74 -31.05 -20.23
C ASP F 73 -32.34 -30.67 -19.75
N GLU F 74 -31.56 -29.99 -20.59
CA GLU F 74 -30.27 -29.48 -20.14
C GLU F 74 -30.45 -28.40 -19.08
N LEU F 75 -31.53 -27.62 -19.19
CA LEU F 75 -31.80 -26.59 -18.20
C LEU F 75 -32.29 -27.20 -16.89
N GLU F 76 -32.97 -28.34 -16.97
CA GLU F 76 -33.44 -29.01 -15.75
C GLU F 76 -32.27 -29.45 -14.89
N GLN F 77 -31.38 -30.29 -15.43
CA GLN F 77 -30.28 -30.82 -14.64
C GLN F 77 -29.33 -29.70 -14.20
N ALA F 78 -29.20 -28.65 -15.01
CA ALA F 78 -28.42 -27.49 -14.58
C ALA F 78 -29.09 -26.80 -13.40
N TYR F 79 -30.41 -26.65 -13.43
CA TYR F 79 -31.13 -26.00 -12.34
C TYR F 79 -31.35 -26.96 -11.18
N ALA F 80 -31.57 -28.24 -11.47
CA ALA F 80 -31.83 -29.21 -10.40
C ALA F 80 -30.66 -29.31 -9.44
N LEU F 81 -29.44 -29.37 -9.97
CA LEU F 81 -28.27 -29.39 -9.12
C LEU F 81 -27.85 -28.01 -8.66
N HIS F 82 -28.42 -26.96 -9.26
CA HIS F 82 -28.13 -25.60 -8.81
C HIS F 82 -28.65 -25.36 -7.39
N GLN F 83 -29.73 -26.03 -7.01
CA GLN F 83 -30.22 -25.92 -5.64
C GLN F 83 -29.22 -26.47 -4.64
N LYS F 84 -28.35 -27.38 -5.08
CA LYS F 84 -27.27 -27.87 -4.22
C LYS F 84 -26.18 -26.83 -4.01
N GLY F 85 -26.21 -25.72 -4.73
CA GLY F 85 -25.21 -24.67 -4.59
C GLY F 85 -23.94 -24.89 -5.38
N LYS F 86 -23.87 -25.95 -6.19
CA LYS F 86 -22.64 -26.22 -6.93
C LYS F 86 -22.45 -25.23 -8.07
N VAL F 87 -23.52 -24.94 -8.82
CA VAL F 87 -23.46 -24.01 -9.94
C VAL F 87 -24.64 -23.06 -9.85
N LYS F 88 -24.43 -21.83 -10.33
CA LYS F 88 -25.49 -20.85 -10.45
C LYS F 88 -25.69 -20.50 -11.92
N ILE F 89 -26.93 -20.22 -12.29
CA ILE F 89 -27.32 -20.00 -13.67
C ILE F 89 -27.55 -18.51 -13.88
N ILE F 90 -27.10 -18.01 -15.03
CA ILE F 90 -27.45 -16.66 -15.46
C ILE F 90 -28.22 -16.75 -16.78
N PRO F 91 -29.55 -16.54 -16.75
CA PRO F 91 -30.33 -16.64 -17.98
C PRO F 91 -30.20 -15.37 -18.80
N ILE F 92 -29.83 -15.52 -20.08
CA ILE F 92 -29.62 -14.40 -20.98
C ILE F 92 -30.81 -14.34 -21.93
N LEU F 93 -31.53 -13.21 -21.92
CA LEU F 93 -32.72 -13.03 -22.74
C LEU F 93 -32.32 -12.35 -24.04
N LEU F 94 -32.28 -13.11 -25.14
CA LEU F 94 -32.06 -12.51 -26.45
C LEU F 94 -33.22 -11.60 -26.82
N THR F 95 -34.44 -12.03 -26.55
CA THR F 95 -35.63 -11.20 -26.69
C THR F 95 -36.14 -10.81 -25.31
N ASN F 96 -36.86 -9.69 -25.26
CA ASN F 96 -37.34 -9.19 -23.98
C ASN F 96 -38.38 -10.13 -23.39
N ARG F 97 -38.62 -9.97 -22.08
CA ARG F 97 -39.54 -10.84 -21.37
C ARG F 97 -40.97 -10.68 -21.90
N ALA F 98 -41.30 -9.52 -22.47
CA ALA F 98 -42.67 -9.25 -22.89
C ALA F 98 -43.13 -10.20 -23.99
N GLN F 99 -42.28 -10.46 -24.98
CA GLN F 99 -42.66 -11.27 -26.13
C GLN F 99 -42.10 -12.68 -26.09
N LEU F 100 -41.72 -13.18 -24.92
CA LEU F 100 -41.30 -14.57 -24.80
C LEU F 100 -42.51 -15.48 -25.00
N ASP F 101 -42.36 -16.45 -25.90
CA ASP F 101 -43.48 -17.32 -26.28
C ASP F 101 -43.66 -18.37 -25.19
N LEU F 102 -44.34 -17.96 -24.12
CA LEU F 102 -44.67 -18.87 -23.02
C LEU F 102 -45.87 -19.74 -23.32
N ASN F 103 -46.72 -19.35 -24.27
CA ASN F 103 -47.95 -20.08 -24.54
C ASN F 103 -47.66 -21.47 -25.11
N ALA F 104 -46.66 -21.58 -25.99
CA ALA F 104 -46.34 -22.87 -26.59
C ALA F 104 -45.81 -23.84 -25.54
N LEU F 105 -45.20 -23.33 -24.48
CA LEU F 105 -44.71 -24.18 -23.41
C LEU F 105 -45.88 -24.82 -22.65
N THR F 106 -45.65 -26.05 -22.20
CA THR F 106 -46.67 -26.76 -21.44
C THR F 106 -46.81 -26.14 -20.04
N ASP F 107 -47.76 -26.66 -19.27
CA ASP F 107 -47.99 -26.13 -17.93
C ASP F 107 -46.76 -26.34 -17.04
N ALA F 108 -46.14 -27.51 -17.11
CA ALA F 108 -44.94 -27.76 -16.32
C ALA F 108 -43.78 -26.90 -16.80
N ARG F 109 -43.63 -26.75 -18.12
CA ARG F 109 -42.54 -25.94 -18.65
C ARG F 109 -42.71 -24.47 -18.30
N ARG F 110 -43.93 -23.94 -18.41
CA ARG F 110 -44.16 -22.54 -18.09
C ARG F 110 -43.99 -22.27 -16.60
N ASN F 111 -44.47 -23.18 -15.75
CA ASN F 111 -44.30 -23.01 -14.31
C ASN F 111 -42.83 -23.07 -13.92
N PHE F 112 -42.07 -23.96 -14.55
CA PHE F 112 -40.64 -24.04 -14.26
C PHE F 112 -39.92 -22.78 -14.69
N LEU F 113 -40.19 -22.29 -15.90
CA LEU F 113 -39.49 -21.11 -16.41
C LEU F 113 -39.85 -19.88 -15.60
N GLU F 114 -41.13 -19.71 -15.24
CA GLU F 114 -41.54 -18.52 -14.51
C GLU F 114 -40.91 -18.48 -13.13
N SER F 115 -40.75 -19.64 -12.49
CA SER F 115 -40.15 -19.68 -11.16
C SER F 115 -38.70 -19.22 -11.19
N ILE F 116 -37.94 -19.66 -12.19
CA ILE F 116 -36.52 -19.31 -12.25
C ILE F 116 -36.27 -17.92 -12.80
N LEU F 117 -37.25 -17.30 -13.48
CA LEU F 117 -37.03 -15.96 -14.00
C LEU F 117 -37.33 -14.91 -12.94
N THR F 118 -38.20 -15.22 -11.99
CA THR F 118 -38.55 -14.27 -10.93
C THR F 118 -37.60 -14.38 -9.74
N ARG F 119 -37.46 -15.60 -9.20
CA ARG F 119 -36.53 -15.82 -8.08
C ARG F 119 -35.09 -15.59 -8.56
N LEU F 120 -34.66 -16.36 -9.56
CA LEU F 120 -33.28 -16.22 -10.08
C LEU F 120 -33.21 -14.96 -10.96
N LYS F 121 -32.05 -14.30 -10.94
CA LYS F 121 -31.88 -13.03 -11.69
C LYS F 121 -31.47 -13.31 -13.13
N TYR F 122 -32.07 -12.58 -14.07
CA TYR F 122 -31.72 -12.69 -15.48
C TYR F 122 -31.07 -11.41 -15.98
N VAL F 123 -30.55 -11.47 -17.20
CA VAL F 123 -29.92 -10.33 -17.86
C VAL F 123 -30.52 -10.19 -19.25
N GLU F 124 -30.95 -8.98 -19.60
CA GLU F 124 -31.54 -8.71 -20.90
C GLU F 124 -30.45 -8.33 -21.88
N PHE F 125 -30.55 -8.85 -23.10
CA PHE F 125 -29.57 -8.62 -24.16
C PHE F 125 -30.27 -8.24 -25.44
N ASP F 126 -29.71 -7.27 -26.16
CA ASP F 126 -30.19 -6.91 -27.49
C ASP F 126 -29.03 -6.59 -28.44
N PRO F 127 -29.19 -6.88 -29.74
CA PRO F 127 -28.14 -6.53 -30.70
C PRO F 127 -27.87 -5.03 -30.80
N HIS F 128 -28.90 -4.20 -30.60
CA HIS F 128 -28.77 -2.77 -30.88
C HIS F 128 -27.80 -2.10 -29.93
N ASN F 129 -28.11 -2.12 -28.63
CA ASN F 129 -27.23 -1.52 -27.62
C ASN F 129 -26.22 -2.57 -27.17
N MET F 130 -25.28 -2.86 -28.07
CA MET F 130 -24.34 -3.95 -27.84
C MET F 130 -23.38 -3.66 -26.70
N THR F 131 -22.82 -2.45 -26.68
CA THR F 131 -21.81 -2.13 -25.67
C THR F 131 -22.37 -2.23 -24.26
N ARG F 132 -23.57 -1.68 -24.03
CA ARG F 132 -24.19 -1.79 -22.72
C ARG F 132 -24.61 -3.23 -22.42
N SER F 133 -25.10 -3.95 -23.44
CA SER F 133 -25.52 -5.33 -23.22
C SER F 133 -24.33 -6.21 -22.84
N LEU F 134 -23.20 -6.03 -23.52
CA LEU F 134 -22.00 -6.80 -23.18
C LEU F 134 -21.52 -6.49 -21.77
N GLY F 135 -21.56 -5.21 -21.38
CA GLY F 135 -21.15 -4.84 -20.03
C GLY F 135 -22.05 -5.45 -18.97
N SER F 136 -23.36 -5.45 -19.19
CA SER F 136 -24.28 -6.07 -18.25
C SER F 136 -24.07 -7.57 -18.16
N VAL F 137 -23.80 -8.22 -19.30
CA VAL F 137 -23.57 -9.66 -19.30
C VAL F 137 -22.27 -9.98 -18.57
N ALA F 138 -21.19 -9.25 -18.89
CA ALA F 138 -19.90 -9.53 -18.28
C ALA F 138 -19.92 -9.25 -16.79
N GLU F 139 -20.59 -8.17 -16.36
CA GLU F 139 -20.56 -7.80 -14.96
C GLU F 139 -21.36 -8.79 -14.12
N ALA F 140 -22.45 -9.32 -14.66
CA ALA F 140 -23.23 -10.33 -13.94
C ALA F 140 -22.38 -11.56 -13.64
N LEU F 141 -21.42 -11.86 -14.53
CA LEU F 141 -20.43 -12.89 -14.23
C LEU F 141 -19.59 -12.50 -13.02
N TRP F 142 -19.29 -11.21 -12.88
CA TRP F 142 -18.45 -10.72 -11.80
C TRP F 142 -19.25 -10.23 -10.59
N GLN F 143 -20.58 -10.36 -10.58
CA GLN F 143 -21.36 -9.90 -9.44
C GLN F 143 -21.03 -10.68 -8.18
N ASN F 144 -21.16 -12.01 -8.23
CA ASN F 144 -20.97 -12.87 -7.08
C ASN F 144 -19.55 -13.40 -6.97
N GLU F 145 -18.61 -12.76 -7.65
CA GLU F 145 -17.23 -13.22 -7.75
C GLU F 145 -16.31 -12.25 -7.02
N ALA F 146 -15.08 -12.69 -6.79
CA ALA F 146 -14.03 -11.88 -6.19
C ALA F 146 -13.48 -10.91 -7.20
N VAL F 147 -12.27 -10.39 -6.96
CA VAL F 147 -11.66 -9.33 -7.75
C VAL F 147 -11.92 -9.53 -9.25
N ARG F 148 -12.41 -8.47 -9.89
CA ARG F 148 -12.91 -8.53 -11.26
C ARG F 148 -11.75 -8.59 -12.25
N PHE F 149 -12.09 -8.62 -13.54
CA PHE F 149 -11.09 -8.62 -14.60
C PHE F 149 -11.73 -8.01 -15.85
N GLU F 150 -11.37 -6.76 -16.13
CA GLU F 150 -11.87 -6.08 -17.31
C GLU F 150 -11.20 -6.62 -18.57
N PRO F 151 -11.84 -6.47 -19.74
CA PRO F 151 -11.23 -6.96 -20.97
C PRO F 151 -9.88 -6.32 -21.24
N ILE F 152 -8.98 -7.11 -21.82
CA ILE F 152 -7.62 -6.63 -22.10
C ILE F 152 -7.67 -5.59 -23.19
N ARG F 153 -7.01 -4.45 -22.95
CA ARG F 153 -6.92 -3.36 -23.91
C ARG F 153 -5.47 -3.15 -24.31
N MET F 154 -5.22 -3.08 -25.62
CA MET F 154 -3.88 -2.85 -26.16
C MET F 154 -3.71 -1.35 -26.37
N ILE F 155 -2.81 -0.76 -25.59
CA ILE F 155 -2.55 0.67 -25.66
C ILE F 155 -1.06 0.90 -25.91
N LYS F 156 -0.76 1.98 -26.64
CA LYS F 156 0.61 2.34 -26.97
C LYS F 156 1.00 3.55 -26.12
N VAL F 157 1.94 3.35 -25.20
CA VAL F 157 2.41 4.39 -24.30
C VAL F 157 3.88 4.65 -24.59
N ASN F 158 4.22 5.92 -24.85
CA ASN F 158 5.59 6.33 -25.14
C ASN F 158 6.16 5.56 -26.32
N GLY F 159 5.31 5.27 -27.30
CA GLY F 159 5.73 4.55 -28.48
C GLY F 159 5.94 3.07 -28.31
N THR F 160 5.55 2.50 -27.17
CA THR F 160 5.74 1.08 -26.89
C THR F 160 4.38 0.39 -26.84
N GLU F 161 4.22 -0.66 -27.64
CA GLU F 161 3.00 -1.44 -27.64
C GLU F 161 2.90 -2.24 -26.36
N LEU F 162 1.69 -2.29 -25.80
CA LEU F 162 1.47 -2.93 -24.51
C LEU F 162 -0.01 -3.22 -24.34
N GLN F 163 -0.31 -4.26 -23.58
CA GLN F 163 -1.67 -4.64 -23.22
C GLN F 163 -1.84 -4.55 -21.71
N VAL F 164 -3.00 -4.07 -21.28
CA VAL F 164 -3.26 -3.82 -19.86
C VAL F 164 -4.25 -4.88 -19.36
N VAL F 165 -3.90 -5.51 -18.24
CA VAL F 165 -4.80 -6.45 -17.57
C VAL F 165 -5.39 -5.71 -16.38
N GLU F 166 -6.58 -5.17 -16.56
CA GLU F 166 -7.23 -4.38 -15.53
C GLU F 166 -8.06 -5.28 -14.63
N PHE F 167 -7.80 -5.20 -13.32
CA PHE F 167 -8.54 -5.96 -12.33
C PHE F 167 -8.95 -5.04 -11.19
N LYS F 168 -10.21 -5.16 -10.76
CA LYS F 168 -10.73 -4.35 -9.67
C LYS F 168 -11.24 -5.25 -8.56
N ILE F 169 -10.89 -4.89 -7.32
CA ILE F 169 -11.25 -5.67 -6.14
C ILE F 169 -12.62 -5.20 -5.67
N PRO F 170 -13.61 -6.09 -5.51
CA PRO F 170 -14.90 -5.65 -5.02
C PRO F 170 -14.97 -5.51 -3.51
N GLY F 171 -15.31 -4.29 -3.08
CA GLY F 171 -15.08 -3.87 -1.71
C GLY F 171 -13.73 -3.22 -1.52
N SER F 172 -13.00 -3.62 -0.48
CA SER F 172 -11.65 -3.11 -0.27
C SER F 172 -10.69 -4.19 0.20
N ASN F 173 -11.16 -5.43 0.31
CA ASN F 173 -10.33 -6.51 0.83
C ASN F 173 -10.81 -7.84 0.28
N LEU F 174 -9.91 -8.83 0.30
CA LEU F 174 -10.21 -10.21 -0.04
C LEU F 174 -9.73 -11.11 1.08
N PRO F 175 -10.28 -12.33 1.19
CA PRO F 175 -9.80 -13.26 2.21
C PRO F 175 -8.32 -13.56 2.02
N VAL F 176 -7.62 -13.73 3.15
CA VAL F 176 -6.17 -13.96 3.11
C VAL F 176 -5.85 -15.30 2.45
N ASP F 177 -6.81 -16.22 2.44
CA ASP F 177 -6.64 -17.51 1.78
C ASP F 177 -7.43 -17.62 0.48
N PHE F 178 -7.76 -16.47 -0.13
CA PHE F 178 -8.55 -16.48 -1.36
C PHE F 178 -7.80 -17.15 -2.50
N LEU F 179 -6.47 -16.98 -2.54
CA LEU F 179 -5.67 -17.58 -3.60
C LEU F 179 -5.77 -19.10 -3.62
N HIS F 180 -6.08 -19.72 -2.48
CA HIS F 180 -6.20 -21.17 -2.44
C HIS F 180 -7.39 -21.66 -3.28
N HIS F 181 -8.51 -20.97 -3.19
CA HIS F 181 -9.73 -21.38 -3.87
C HIS F 181 -9.95 -20.68 -5.20
N TRP F 182 -9.01 -19.86 -5.64
CA TRP F 182 -9.12 -19.23 -6.95
C TRP F 182 -8.91 -20.27 -8.04
N ASP F 183 -9.79 -20.26 -9.04
CA ASP F 183 -9.74 -21.21 -10.14
C ASP F 183 -9.28 -20.53 -11.42
N LEU F 184 -8.44 -19.51 -11.29
CA LEU F 184 -7.90 -18.78 -12.43
C LEU F 184 -6.38 -18.89 -12.42
N LYS F 185 -5.85 -19.65 -13.36
CA LYS F 185 -4.41 -19.68 -13.61
C LYS F 185 -4.16 -19.13 -15.01
N ILE F 186 -3.25 -18.16 -15.10
CA ILE F 186 -3.11 -17.36 -16.30
C ILE F 186 -2.29 -18.04 -17.40
N GLU F 187 -1.73 -19.23 -17.13
CA GLU F 187 -0.97 -19.92 -18.16
C GLU F 187 -1.84 -20.39 -19.31
N ASP F 188 -3.13 -20.62 -19.06
CA ASP F 188 -4.03 -21.08 -20.11
C ASP F 188 -4.53 -19.96 -21.01
N PHE F 189 -4.27 -18.70 -20.65
CA PHE F 189 -4.75 -17.56 -21.42
C PHE F 189 -3.64 -16.84 -22.16
N ILE F 190 -2.47 -17.47 -22.31
CA ILE F 190 -1.34 -16.88 -23.01
C ILE F 190 -1.24 -17.54 -24.38
N ALA F 191 -1.22 -16.71 -25.43
CA ALA F 191 -1.11 -17.23 -26.78
C ALA F 191 0.29 -17.77 -27.05
N THR F 192 0.36 -18.89 -27.78
CA THR F 192 1.64 -19.46 -28.17
C THR F 192 2.05 -19.07 -29.58
N SER F 193 1.11 -18.68 -30.42
CA SER F 193 1.39 -18.27 -31.79
C SER F 193 0.67 -16.96 -32.07
N PRO F 194 1.24 -16.11 -32.93
CA PRO F 194 0.57 -14.83 -33.24
C PRO F 194 -0.80 -15.01 -33.85
N ASN F 195 -0.99 -16.04 -34.67
CA ASN F 195 -2.30 -16.26 -35.29
C ASN F 195 -3.33 -16.81 -34.31
N GLU F 196 -2.88 -17.54 -33.29
CA GLU F 196 -3.80 -18.09 -32.29
C GLU F 196 -4.40 -16.96 -31.47
N GLN F 197 -5.71 -16.99 -31.30
CA GLN F 197 -6.43 -15.96 -30.55
C GLN F 197 -6.50 -16.38 -29.08
N LYS F 198 -6.14 -15.46 -28.20
CA LYS F 198 -6.10 -15.70 -26.76
C LYS F 198 -6.29 -14.37 -26.04
N PRO F 199 -6.68 -14.40 -24.77
CA PRO F 199 -6.79 -13.13 -24.02
C PRO F 199 -5.50 -12.35 -23.97
N VAL F 200 -4.36 -13.03 -23.89
CA VAL F 200 -3.05 -12.38 -23.84
C VAL F 200 -2.34 -12.65 -25.16
N LYS F 201 -1.97 -11.58 -25.85
CA LYS F 201 -1.30 -11.71 -27.14
C LYS F 201 0.09 -12.29 -26.96
N PHE F 202 0.52 -13.08 -27.94
CA PHE F 202 1.82 -13.72 -27.87
C PHE F 202 2.93 -12.69 -28.07
N ASP F 203 3.92 -12.72 -27.17
CA ASP F 203 5.12 -11.89 -27.19
C ASP F 203 4.83 -10.42 -26.95
N VAL F 204 3.57 -10.02 -26.81
CA VAL F 204 3.23 -8.63 -26.52
C VAL F 204 3.41 -8.38 -25.03
N PRO F 205 4.09 -7.31 -24.63
CA PRO F 205 4.27 -7.04 -23.20
C PRO F 205 2.94 -6.89 -22.49
N VAL F 206 2.87 -7.45 -21.28
CA VAL F 206 1.64 -7.49 -20.50
C VAL F 206 1.83 -6.61 -19.26
N ALA F 207 0.83 -5.78 -18.98
CA ALA F 207 0.86 -4.87 -17.85
C ALA F 207 -0.30 -5.15 -16.91
N LEU F 208 -0.06 -5.00 -15.62
CA LEU F 208 -1.09 -5.18 -14.59
C LEU F 208 -1.47 -3.82 -14.03
N TYR F 209 -2.77 -3.54 -13.99
CA TYR F 209 -3.28 -2.24 -13.59
C TYR F 209 -4.36 -2.43 -12.53
N GLY F 210 -4.41 -1.49 -11.58
CA GLY F 210 -5.40 -1.52 -10.54
C GLY F 210 -4.79 -1.79 -9.18
N PRO F 211 -5.38 -1.20 -8.13
CA PRO F 211 -4.87 -1.43 -6.78
C PRO F 211 -5.08 -2.86 -6.33
N GLY F 212 -4.18 -3.34 -5.50
CA GLY F 212 -4.25 -4.69 -4.98
C GLY F 212 -3.10 -5.03 -4.05
N PRO F 213 -3.22 -6.16 -3.36
CA PRO F 213 -2.14 -6.58 -2.46
C PRO F 213 -0.92 -7.05 -3.23
N ASN F 214 0.21 -7.07 -2.52
CA ASN F 214 1.48 -7.43 -3.15
C ASN F 214 1.48 -8.89 -3.61
N TRP F 215 0.90 -9.79 -2.83
CA TRP F 215 0.88 -11.20 -3.22
C TRP F 215 0.04 -11.43 -4.46
N LEU F 216 -1.06 -10.67 -4.62
CA LEU F 216 -1.86 -10.80 -5.83
C LEU F 216 -1.07 -10.37 -7.06
N TYR F 217 -0.29 -9.30 -6.94
CA TYR F 217 0.57 -8.89 -8.05
C TYR F 217 1.63 -9.94 -8.35
N ALA F 218 2.24 -10.50 -7.31
CA ALA F 218 3.26 -11.53 -7.50
C ALA F 218 2.64 -12.80 -8.09
N PHE F 219 1.42 -13.15 -7.66
CA PHE F 219 0.77 -14.35 -8.17
C PHE F 219 0.48 -14.25 -9.65
N LEU F 220 0.09 -13.07 -10.13
CA LEU F 220 -0.22 -12.90 -11.54
C LEU F 220 1.04 -12.69 -12.38
N THR F 221 2.06 -12.06 -11.82
CA THR F 221 3.28 -11.78 -12.57
C THR F 221 4.11 -13.05 -12.79
N LEU F 222 4.16 -13.93 -11.79
CA LEU F 222 5.08 -15.06 -11.84
C LEU F 222 4.87 -15.98 -13.04
N PRO F 223 3.64 -16.40 -13.39
CA PRO F 223 3.49 -17.32 -14.53
C PRO F 223 3.86 -16.72 -15.88
N PHE F 224 4.25 -15.45 -15.94
CA PHE F 224 4.60 -14.81 -17.20
C PHE F 224 6.08 -14.90 -17.53
N LYS F 225 6.87 -15.60 -16.72
CA LYS F 225 8.29 -15.74 -17.01
C LYS F 225 8.48 -16.54 -18.29
N ASN F 226 9.38 -16.06 -19.15
CA ASN F 226 9.68 -16.65 -20.46
C ASN F 226 8.46 -16.69 -21.37
N ARG F 227 7.41 -15.94 -21.06
CA ARG F 227 6.22 -15.87 -21.89
C ARG F 227 5.97 -14.48 -22.45
N ASN F 228 5.90 -13.47 -21.59
CA ASN F 228 5.68 -12.09 -22.02
C ASN F 228 6.44 -11.15 -21.10
N THR F 229 6.72 -9.96 -21.61
CA THR F 229 7.32 -8.90 -20.79
C THR F 229 6.28 -8.36 -19.82
N VAL F 230 6.65 -8.27 -18.55
CA VAL F 230 5.74 -7.91 -17.47
C VAL F 230 5.93 -6.45 -17.12
N PHE F 231 4.84 -5.70 -17.05
CA PHE F 231 4.83 -4.32 -16.61
C PHE F 231 3.93 -4.18 -15.39
N VAL F 232 4.37 -3.37 -14.43
CA VAL F 232 3.64 -3.16 -13.18
C VAL F 232 3.39 -1.68 -13.01
N PHE F 233 2.16 -1.34 -12.63
CA PHE F 233 1.76 0.05 -12.44
C PHE F 233 1.91 0.42 -10.98
N ASN F 234 2.61 1.53 -10.72
CA ASN F 234 2.81 2.06 -9.38
C ASN F 234 2.04 3.38 -9.26
N SER F 235 1.15 3.46 -8.28
CA SER F 235 0.31 4.64 -8.12
C SER F 235 1.00 5.77 -7.36
N ARG F 236 2.20 5.55 -6.85
CA ARG F 236 2.92 6.62 -6.16
C ARG F 236 3.22 7.78 -7.10
N THR F 237 3.62 7.47 -8.34
CA THR F 237 3.89 8.49 -9.34
C THR F 237 3.12 8.26 -10.63
N SER F 238 2.45 7.12 -10.77
CA SER F 238 1.56 6.82 -11.91
C SER F 238 2.32 6.70 -13.23
N GLU F 239 3.31 5.81 -13.27
CA GLU F 239 3.83 5.27 -14.52
C GLU F 239 4.02 3.77 -14.36
N TYR F 240 3.98 3.06 -15.49
CA TYR F 240 4.19 1.62 -15.50
C TYR F 240 5.67 1.31 -15.28
N ILE F 241 5.93 0.22 -14.57
CA ILE F 241 7.28 -0.20 -14.22
C ILE F 241 7.57 -1.53 -14.89
N CYS F 242 8.70 -1.60 -15.59
CA CYS F 242 9.12 -2.83 -16.27
C CYS F 242 9.90 -3.69 -15.30
N VAL F 243 9.49 -4.95 -15.14
CA VAL F 243 10.13 -5.88 -14.22
C VAL F 243 10.74 -7.07 -14.95
N TYR F 244 10.36 -7.33 -16.20
CA TYR F 244 10.88 -8.45 -16.97
C TYR F 244 11.34 -7.97 -18.33
N SER F 245 12.43 -8.55 -18.82
CA SER F 245 13.01 -8.19 -20.12
C SER F 245 13.03 -9.43 -21.00
N LYS F 246 11.95 -9.65 -21.76
CA LYS F 246 11.90 -10.72 -22.73
C LYS F 246 11.93 -10.22 -24.17
N SER F 247 11.59 -8.96 -24.39
CA SER F 247 11.66 -8.36 -25.72
C SER F 247 12.90 -7.48 -25.83
N ALA F 248 13.48 -7.45 -27.03
CA ALA F 248 14.69 -6.69 -27.25
C ALA F 248 14.41 -5.19 -27.15
N GLY F 249 15.38 -4.46 -26.61
CA GLY F 249 15.28 -3.02 -26.47
C GLY F 249 14.54 -2.53 -25.25
N LEU F 250 14.02 -3.42 -24.42
CA LEU F 250 13.28 -3.05 -23.22
C LEU F 250 13.99 -3.63 -22.00
N ALA F 251 14.42 -2.75 -21.10
CA ALA F 251 15.13 -3.18 -19.91
C ALA F 251 14.22 -3.11 -18.69
N PRO F 252 14.44 -3.97 -17.69
CA PRO F 252 13.60 -3.93 -16.48
C PRO F 252 13.90 -2.70 -15.63
N GLY F 253 12.97 -1.76 -15.61
CA GLY F 253 13.13 -0.55 -14.81
C GLY F 253 12.70 0.72 -15.51
N MET F 254 12.38 0.63 -16.80
CA MET F 254 11.95 1.81 -17.54
C MET F 254 10.54 2.20 -17.12
N VAL F 255 10.20 3.46 -17.38
CA VAL F 255 8.91 4.02 -16.99
C VAL F 255 8.17 4.47 -18.24
N LEU F 256 6.84 4.33 -18.23
CA LEU F 256 5.99 4.73 -19.34
C LEU F 256 5.09 5.87 -18.85
N LYS F 257 5.39 7.09 -19.32
CA LYS F 257 4.61 8.25 -18.90
C LYS F 257 3.22 8.16 -19.51
N GLY F 258 2.22 7.98 -18.66
CA GLY F 258 0.84 7.87 -19.11
C GLY F 258 0.13 9.20 -19.17
#